data_4N3P
#
_entry.id   4N3P
#
_cell.length_a   73.119
_cell.length_b   73.119
_cell.length_c   163.975
_cell.angle_alpha   90.00
_cell.angle_beta   90.00
_cell.angle_gamma   90.00
#
_symmetry.space_group_name_H-M   'P 43'
#
loop_
_entity.id
_entity.type
_entity.pdbx_description
1 polymer 'Serine Hydrolase OSH18'
2 non-polymer 'SODIUM ION'
3 non-polymer 'CHLORIDE ION'
4 non-polymer DI(HYDROXYETHYL)ETHER
5 water water
#
_entity_poly.entity_id   1
_entity_poly.type   'polypeptide(L)'
_entity_poly.pdbx_seq_one_letter_code
;(MSE)(MSE)KLKTNIRHLHGIIRVPGDSSISVLSIIFGSLAEGETKVYDILRGEDVLST(MSE)QVFRDLGVEIEDKDG
VITVQGVG(MSE)AGLKAPQNALN(MSE)GNSGASIVAISGVLAGADFEVE(MSE)FGDDSLSKRP(MSE)DRVTLPLKK
(MSE)GVSISGQTERDLPPLRLKGTKNLRPIHYELPIASNSVKSAL(MSE)FAALQAKGESVIIEKEYTSNHTED(MSE)
LQQFGGHLSVDGKKITVQGPQKLTGQKVVVPGDISSAAFWLVAGLIAPNSRLVLQNVGIEETLTGIIDVIRA(MSE)GGK
LEITEIDPVAKSATLIVESSDLKGTEICGALIPRLIDELPIIALLATQAQGVTVIKDAEELKVKETDRIQVVADALNS
(MSE)GADITPTADG(MSE)IIKGKSALHGARVNTFGDHRIG(MSE)(MSE)TAIAALLVADGEVELDRAEAINTSYPSF
FDDLESLIHGLEHHHHHH
;
_entity_poly.pdbx_strand_id   A,B
#
# COMPACT_ATOMS: atom_id res chain seq x y z
N LYS A 3 -11.63 16.38 -0.99
CA LYS A 3 -12.93 16.93 -0.66
C LYS A 3 -13.93 15.79 -0.59
N LEU A 4 -15.19 16.12 -0.32
CA LEU A 4 -16.22 15.12 -0.06
C LEU A 4 -17.52 15.57 -0.74
N LYS A 5 -18.23 14.61 -1.33
CA LYS A 5 -19.51 14.86 -2.00
C LYS A 5 -20.45 15.61 -1.06
N THR A 6 -21.17 16.59 -1.59
CA THR A 6 -21.90 17.51 -0.73
C THR A 6 -23.30 17.82 -1.26
N ASN A 7 -24.21 18.10 -0.34
CA ASN A 7 -25.54 18.59 -0.66
C ASN A 7 -26.38 17.69 -1.59
N ILE A 8 -26.35 16.38 -1.38
CA ILE A 8 -27.15 15.49 -2.21
C ILE A 8 -28.64 15.64 -1.90
N ARG A 9 -29.49 15.38 -2.90
CA ARG A 9 -30.91 15.58 -2.71
C ARG A 9 -31.70 14.27 -2.59
N HIS A 10 -31.04 13.13 -2.82
CA HIS A 10 -31.70 11.83 -2.66
C HIS A 10 -30.72 10.67 -2.47
N LEU A 11 -31.23 9.55 -1.96
CA LEU A 11 -30.38 8.39 -1.62
C LEU A 11 -31.20 7.11 -1.72
N HIS A 12 -30.90 6.29 -2.72
CA HIS A 12 -31.68 5.10 -2.99
C HIS A 12 -30.79 3.95 -3.42
N GLY A 13 -31.10 2.76 -2.94
CA GLY A 13 -30.41 1.59 -3.42
C GLY A 13 -30.29 0.50 -2.39
N ILE A 14 -29.54 -0.52 -2.75
CA ILE A 14 -29.27 -1.67 -1.91
C ILE A 14 -27.81 -1.70 -1.52
N ILE A 15 -27.57 -1.78 -0.21
CA ILE A 15 -26.24 -2.02 0.32
C ILE A 15 -26.25 -3.37 1.04
N ARG A 16 -25.27 -4.21 0.76
CA ARG A 16 -25.17 -5.50 1.42
C ARG A 16 -24.03 -5.47 2.42
N VAL A 17 -24.33 -5.56 3.71
CA VAL A 17 -23.30 -5.43 4.75
C VAL A 17 -22.15 -6.44 4.58
N PRO A 18 -20.91 -5.93 4.46
CA PRO A 18 -19.73 -6.79 4.37
C PRO A 18 -19.60 -7.61 5.63
N GLY A 19 -18.87 -8.71 5.53
CA GLY A 19 -18.71 -9.59 6.66
C GLY A 19 -17.75 -9.00 7.67
N ASP A 20 -17.87 -9.46 8.90
CA ASP A 20 -16.88 -9.13 9.93
C ASP A 20 -15.48 -9.58 9.52
N SER A 21 -14.51 -8.71 9.75
CA SER A 21 -13.13 -8.97 9.36
C SER A 21 -12.50 -10.09 10.18
N SER A 22 -12.69 -10.07 11.48
CA SER A 22 -11.95 -10.95 12.36
C SER A 22 -12.50 -12.36 12.31
N ILE A 23 -13.79 -12.51 12.10
CA ILE A 23 -14.33 -13.84 11.87
C ILE A 23 -13.85 -14.35 10.51
N SER A 24 -13.87 -13.48 9.52
CA SER A 24 -13.30 -13.78 8.22
C SER A 24 -11.88 -14.32 8.37
N VAL A 25 -11.02 -13.57 9.05
CA VAL A 25 -9.63 -14.00 9.27
C VAL A 25 -9.54 -15.30 10.10
N LEU A 26 -10.35 -15.40 11.14
CA LEU A 26 -10.36 -16.60 11.97
C LEU A 26 -10.71 -17.87 11.18
N SER A 27 -11.59 -17.72 10.20
CA SER A 27 -12.07 -18.83 9.40
C SER A 27 -10.98 -19.39 8.47
N ILE A 28 -10.13 -18.51 7.98
CA ILE A 28 -8.99 -18.92 7.16
C ILE A 28 -7.96 -19.67 7.99
N ILE A 29 -7.67 -19.11 9.16
CA ILE A 29 -6.73 -19.69 10.13
C ILE A 29 -7.20 -21.07 10.59
N PHE A 30 -8.37 -21.13 11.21
CA PHE A 30 -8.94 -22.41 11.64
C PHE A 30 -9.15 -23.38 10.49
N GLY A 31 -9.59 -22.87 9.34
CA GLY A 31 -9.74 -23.70 8.16
C GLY A 31 -8.45 -24.40 7.72
N SER A 32 -7.31 -23.76 7.91
CA SER A 32 -6.04 -24.33 7.48
C SER A 32 -5.54 -25.34 8.52
N LEU A 33 -5.65 -24.98 9.78
CA LEU A 33 -5.20 -25.84 10.87
C LEU A 33 -6.08 -27.07 11.09
N ALA A 34 -7.33 -27.02 10.64
CA ALA A 34 -8.27 -28.15 10.79
C ALA A 34 -8.02 -29.26 9.79
N GLU A 35 -8.69 -30.39 10.02
CA GLU A 35 -8.72 -31.49 9.06
C GLU A 35 -10.08 -31.51 8.33
N GLY A 36 -10.05 -31.85 7.06
CA GLY A 36 -11.25 -31.77 6.27
C GLY A 36 -11.29 -30.43 5.57
N GLU A 37 -12.34 -30.24 4.79
CA GLU A 37 -12.52 -29.05 3.98
C GLU A 37 -13.42 -28.02 4.68
N THR A 38 -13.01 -26.76 4.59
CA THR A 38 -13.71 -25.64 5.19
C THR A 38 -14.24 -24.76 4.08
N LYS A 39 -15.47 -24.31 4.23
CA LYS A 39 -16.08 -23.40 3.29
C LYS A 39 -16.51 -22.15 4.06
N VAL A 40 -16.19 -20.99 3.51
CA VAL A 40 -16.55 -19.75 4.17
C VAL A 40 -17.43 -18.97 3.25
N TYR A 41 -18.58 -18.54 3.75
CA TYR A 41 -19.53 -17.75 2.98
C TYR A 41 -19.58 -16.33 3.53
N ASP A 42 -19.80 -15.37 2.64
CA ASP A 42 -19.89 -13.96 3.04
C ASP A 42 -18.62 -13.39 3.68
N ILE A 43 -17.46 -13.97 3.37
CA ILE A 43 -16.20 -13.45 3.87
C ILE A 43 -16.03 -11.96 3.51
N LEU A 44 -15.34 -11.20 4.33
CA LEU A 44 -15.00 -9.83 3.95
C LEU A 44 -13.93 -9.85 2.87
N ARG A 45 -14.14 -9.15 1.76
CA ARG A 45 -13.08 -8.93 0.77
C ARG A 45 -12.05 -7.93 1.26
N GLY A 46 -11.56 -8.08 2.48
CA GLY A 46 -10.54 -7.20 3.01
C GLY A 46 -9.18 -7.48 2.40
N GLU A 47 -8.27 -6.53 2.50
CA GLU A 47 -6.91 -6.80 2.07
C GLU A 47 -6.22 -7.63 3.17
N ASP A 48 -6.73 -7.50 4.39
CA ASP A 48 -6.32 -8.36 5.49
C ASP A 48 -6.72 -9.83 5.28
N VAL A 49 -7.88 -10.06 4.68
CA VAL A 49 -8.34 -11.42 4.44
C VAL A 49 -7.50 -12.01 3.32
N LEU A 50 -7.37 -11.25 2.23
CA LEU A 50 -6.55 -11.61 1.09
C LEU A 50 -5.09 -11.90 1.44
N SER A 51 -4.54 -11.16 2.38
CA SER A 51 -3.13 -11.32 2.72
C SER A 51 -2.98 -12.62 3.53
N THR A 52 -3.90 -12.80 4.48
CA THR A 52 -3.97 -14.00 5.30
C THR A 52 -4.18 -15.28 4.51
N GLN A 54 -3.21 -15.66 1.51
CA GLN A 54 -2.00 -15.79 0.71
C GLN A 54 -0.84 -16.28 1.58
N VAL A 55 -0.80 -15.84 2.83
CA VAL A 55 0.16 -16.36 3.77
C VAL A 55 0.05 -17.88 3.88
N PHE A 56 -1.18 -18.36 4.04
CA PHE A 56 -1.42 -19.79 4.17
C PHE A 56 -1.15 -20.57 2.90
N ARG A 57 -1.52 -20.02 1.74
CA ARG A 57 -1.08 -20.64 0.48
C ARG A 57 0.44 -20.79 0.47
N ASP A 58 1.16 -19.77 0.96
CA ASP A 58 2.61 -19.83 1.01
C ASP A 58 3.17 -20.88 1.96
N LEU A 59 2.34 -21.33 2.90
CA LEU A 59 2.69 -22.41 3.81
C LEU A 59 2.07 -23.72 3.35
N GLY A 60 1.66 -23.77 2.09
CA GLY A 60 1.18 -24.99 1.46
C GLY A 60 -0.30 -25.34 1.53
N VAL A 61 -1.12 -24.49 2.16
CA VAL A 61 -2.56 -24.72 2.19
C VAL A 61 -3.24 -24.45 0.84
N GLU A 62 -4.03 -25.39 0.36
CA GLU A 62 -4.82 -25.11 -0.85
C GLU A 62 -6.06 -24.29 -0.49
N ILE A 63 -6.18 -23.09 -1.06
CA ILE A 63 -7.29 -22.19 -0.81
C ILE A 63 -7.87 -21.64 -2.11
N GLU A 64 -9.13 -21.93 -2.36
CA GLU A 64 -9.79 -21.54 -3.59
C GLU A 64 -10.77 -20.40 -3.32
N ASP A 65 -10.71 -19.38 -4.15
CA ASP A 65 -11.62 -18.26 -4.10
C ASP A 65 -12.42 -18.25 -5.40
N LYS A 66 -13.66 -18.70 -5.35
CA LYS A 66 -14.45 -18.81 -6.56
C LYS A 66 -15.92 -18.56 -6.33
N ASP A 67 -16.48 -17.65 -7.11
CA ASP A 67 -17.90 -17.34 -7.08
C ASP A 67 -18.39 -16.95 -5.69
N GLY A 68 -17.55 -16.22 -4.97
CA GLY A 68 -17.93 -15.67 -3.69
C GLY A 68 -17.60 -16.55 -2.52
N VAL A 69 -17.07 -17.74 -2.80
CA VAL A 69 -16.88 -18.75 -1.75
C VAL A 69 -15.42 -19.11 -1.52
N ILE A 70 -15.03 -19.25 -0.26
CA ILE A 70 -13.68 -19.69 0.03
C ILE A 70 -13.75 -21.14 0.42
N THR A 71 -12.96 -21.96 -0.27
CA THR A 71 -12.83 -23.36 0.07
C THR A 71 -11.40 -23.63 0.51
N VAL A 72 -11.25 -24.05 1.75
CA VAL A 72 -9.95 -24.33 2.33
C VAL A 72 -9.79 -25.84 2.55
N GLN A 73 -8.72 -26.40 2.01
CA GLN A 73 -8.39 -27.81 2.27
C GLN A 73 -7.44 -27.87 3.46
N GLY A 74 -7.97 -28.12 4.65
CA GLY A 74 -7.19 -28.12 5.87
C GLY A 74 -5.98 -29.04 5.85
N VAL A 75 -4.89 -28.64 6.51
CA VAL A 75 -3.67 -29.46 6.52
C VAL A 75 -3.34 -30.05 7.90
N GLY A 76 -4.26 -29.94 8.85
CA GLY A 76 -4.07 -30.46 10.20
C GLY A 76 -3.24 -29.54 11.08
N ALA A 78 -0.54 -29.80 12.52
CA ALA A 78 0.90 -29.80 12.31
C ALA A 78 1.26 -29.84 10.84
N GLY A 79 0.37 -29.37 9.98
CA GLY A 79 0.56 -29.54 8.54
C GLY A 79 1.01 -28.31 7.76
N LEU A 80 1.43 -27.27 8.46
CA LEU A 80 1.99 -26.10 7.81
C LEU A 80 3.37 -26.46 7.25
N LYS A 81 3.66 -26.07 6.00
CA LYS A 81 5.00 -26.31 5.43
C LYS A 81 5.85 -25.05 5.27
N ALA A 82 7.16 -25.28 5.24
CA ALA A 82 8.19 -24.24 5.19
C ALA A 82 8.07 -23.39 3.94
N PRO A 83 7.84 -22.09 4.10
CA PRO A 83 7.52 -21.28 2.93
C PRO A 83 8.77 -21.05 2.09
N GLN A 84 8.58 -20.76 0.82
CA GLN A 84 9.70 -20.56 -0.11
C GLN A 84 9.88 -19.08 -0.39
N ASN A 85 9.19 -18.24 0.37
CA ASN A 85 9.24 -16.82 0.19
C ASN A 85 9.02 -16.18 1.55
N ALA A 86 9.26 -14.88 1.65
CA ALA A 86 8.97 -14.15 2.86
C ALA A 86 7.48 -13.84 2.88
N LEU A 87 6.87 -13.99 4.04
CA LEU A 87 5.44 -13.78 4.18
C LEU A 87 5.06 -12.30 4.22
N ASN A 88 4.11 -11.93 3.37
CA ASN A 88 3.63 -10.55 3.23
C ASN A 88 2.33 -10.28 3.98
N GLY A 90 1.26 -7.05 4.51
CA GLY A 90 0.76 -5.75 4.11
C GLY A 90 0.82 -4.71 5.21
N ASN A 91 -0.33 -4.24 5.66
CA ASN A 91 -0.35 -3.28 6.77
C ASN A 91 -1.17 -3.78 7.96
N SER A 92 -1.65 -5.02 7.85
CA SER A 92 -2.31 -5.71 8.97
C SER A 92 -1.34 -6.15 10.12
N GLY A 93 -1.37 -5.42 11.24
CA GLY A 93 -0.60 -5.79 12.41
C GLY A 93 -1.31 -6.94 13.11
N ALA A 94 -2.61 -7.00 12.91
CA ALA A 94 -3.44 -8.09 13.41
C ALA A 94 -2.89 -9.42 12.93
N SER A 95 -2.42 -9.43 11.69
CA SER A 95 -2.06 -10.64 10.99
C SER A 95 -0.76 -11.20 11.50
N ILE A 96 0.24 -10.34 11.62
CA ILE A 96 1.56 -10.73 12.08
C ILE A 96 1.48 -11.35 13.48
N VAL A 97 0.66 -10.75 14.33
CA VAL A 97 0.53 -11.21 15.70
C VAL A 97 -0.06 -12.60 15.67
N ALA A 98 -1.18 -12.73 14.95
CA ALA A 98 -1.92 -14.00 14.90
C ALA A 98 -1.10 -15.13 14.30
N ILE A 99 -0.57 -14.93 13.11
CA ILE A 99 0.24 -15.94 12.43
C ILE A 99 1.49 -16.34 13.24
N SER A 100 2.06 -15.39 13.99
CA SER A 100 3.16 -15.71 14.92
C SER A 100 2.77 -16.81 15.90
N GLY A 101 1.56 -16.71 16.45
CA GLY A 101 1.03 -17.75 17.31
C GLY A 101 0.72 -19.03 16.57
N VAL A 102 0.14 -18.89 15.37
CA VAL A 102 -0.13 -20.05 14.54
C VAL A 102 1.16 -20.83 14.26
N LEU A 103 2.26 -20.11 14.03
CA LEU A 103 3.53 -20.72 13.66
C LEU A 103 4.41 -21.09 14.85
N ALA A 104 3.86 -21.03 16.06
CA ALA A 104 4.59 -21.40 17.27
C ALA A 104 5.18 -22.81 17.18
N GLY A 105 4.43 -23.75 16.61
CA GLY A 105 4.91 -25.11 16.47
C GLY A 105 5.58 -25.48 15.17
N ALA A 106 5.57 -24.56 14.20
CA ALA A 106 6.21 -24.81 12.92
C ALA A 106 7.72 -24.97 13.10
N ASP A 107 8.26 -26.12 12.73
CA ASP A 107 9.69 -26.36 12.90
C ASP A 107 10.53 -25.91 11.68
N PHE A 108 10.37 -24.65 11.26
CA PHE A 108 11.19 -24.10 10.19
C PHE A 108 11.32 -22.60 10.34
N GLU A 109 12.25 -22.01 9.58
CA GLU A 109 12.47 -20.57 9.65
C GLU A 109 11.48 -19.79 8.78
N VAL A 110 11.05 -18.64 9.28
CA VAL A 110 10.01 -17.87 8.64
C VAL A 110 10.31 -16.39 8.79
N GLU A 111 10.10 -15.63 7.73
CA GLU A 111 10.13 -14.18 7.80
C GLU A 111 8.77 -13.60 7.54
N PHE A 113 7.13 -9.81 6.93
CA PHE A 113 7.35 -8.38 6.75
C PHE A 113 6.04 -7.68 6.37
N GLY A 114 6.04 -6.36 6.37
CA GLY A 114 4.92 -5.57 5.88
C GLY A 114 5.36 -4.20 5.40
N ASP A 115 4.42 -3.28 5.27
CA ASP A 115 4.77 -1.99 4.71
C ASP A 115 5.32 -1.00 5.73
N ASP A 116 5.58 0.22 5.25
CA ASP A 116 6.15 1.30 6.04
C ASP A 116 5.35 1.64 7.31
N SER A 117 4.03 1.52 7.28
CA SER A 117 3.26 1.74 8.51
C SER A 117 3.44 0.59 9.50
N LEU A 118 3.21 -0.63 9.02
CA LEU A 118 3.39 -1.83 9.82
C LEU A 118 4.75 -1.89 10.50
N SER A 119 5.79 -1.46 9.80
CA SER A 119 7.14 -1.56 10.35
C SER A 119 7.44 -0.51 11.43
N LYS A 120 6.40 0.12 11.96
CA LYS A 120 6.59 1.08 13.05
C LYS A 120 5.84 0.64 14.31
N ARG A 121 5.05 -0.43 14.17
CA ARG A 121 4.30 -1.02 15.26
C ARG A 121 5.04 -2.14 16.02
N PRO A 122 5.23 -1.98 17.34
CA PRO A 122 5.90 -2.97 18.19
C PRO A 122 5.22 -4.33 18.24
N ASP A 124 6.72 -6.79 20.46
CA ASP A 124 7.19 -7.37 21.73
C ASP A 124 6.08 -7.85 22.64
N ARG A 125 4.89 -7.29 22.45
CA ARG A 125 3.71 -7.70 23.18
C ARG A 125 3.36 -9.17 22.87
N VAL A 126 3.73 -9.67 21.69
CA VAL A 126 3.49 -11.09 21.41
C VAL A 126 4.76 -11.94 21.43
N THR A 127 5.90 -11.33 21.07
CA THR A 127 7.17 -12.04 21.14
C THR A 127 7.59 -12.43 22.57
N LEU A 128 7.26 -11.61 23.56
CA LEU A 128 7.63 -11.98 24.93
C LEU A 128 6.94 -13.27 25.43
N PRO A 129 5.60 -13.35 25.35
CA PRO A 129 5.08 -14.63 25.84
C PRO A 129 5.42 -15.81 24.91
N LEU A 130 5.51 -15.57 23.61
CA LEU A 130 5.84 -16.65 22.66
C LEU A 130 7.22 -17.26 22.92
N LYS A 131 8.18 -16.41 23.28
CA LYS A 131 9.51 -16.88 23.66
C LYS A 131 9.46 -17.77 24.90
N LYS A 132 8.64 -17.40 25.87
CA LYS A 132 8.49 -18.24 27.07
C LYS A 132 8.10 -19.67 26.70
N GLY A 134 9.05 -21.18 24.11
CA GLY A 134 10.16 -21.80 23.41
C GLY A 134 10.28 -21.49 21.92
N VAL A 135 9.51 -20.52 21.45
CA VAL A 135 9.59 -20.05 20.06
C VAL A 135 10.73 -19.03 19.89
N SER A 136 11.50 -19.15 18.80
CA SER A 136 12.45 -18.08 18.46
C SER A 136 11.76 -17.11 17.56
N ILE A 137 11.58 -15.89 18.05
CA ILE A 137 10.94 -14.85 17.29
C ILE A 137 11.58 -13.55 17.70
N SER A 138 11.88 -12.71 16.72
CA SER A 138 12.67 -11.51 16.98
C SER A 138 12.53 -10.50 15.83
N GLY A 139 12.32 -9.23 16.18
CA GLY A 139 12.18 -8.19 15.18
C GLY A 139 13.31 -7.18 15.25
N GLN A 140 13.06 -5.96 14.77
CA GLN A 140 14.03 -4.87 14.79
C GLN A 140 13.94 -4.06 16.12
N THR A 141 15.08 -3.78 16.75
CA THR A 141 15.12 -3.24 18.11
C THR A 141 14.47 -4.19 19.10
N GLU A 142 14.54 -3.83 20.38
CA GLU A 142 13.96 -4.66 21.44
C GLU A 142 12.43 -4.61 21.42
N ARG A 143 11.88 -3.55 20.82
CA ARG A 143 10.43 -3.45 20.58
C ARG A 143 9.94 -4.52 19.60
N ASP A 144 10.86 -5.13 18.85
CA ASP A 144 10.54 -6.10 17.80
C ASP A 144 9.60 -5.55 16.70
N LEU A 145 10.06 -4.52 16.00
CA LEU A 145 9.38 -3.99 14.84
C LEU A 145 9.61 -4.94 13.66
N PRO A 146 8.59 -5.08 12.79
CA PRO A 146 8.78 -5.88 11.58
C PRO A 146 9.89 -5.30 10.73
N PRO A 147 10.57 -6.14 9.95
CA PRO A 147 10.23 -7.56 9.77
C PRO A 147 10.64 -8.48 10.95
N LEU A 148 9.80 -9.49 11.19
CA LEU A 148 10.04 -10.51 12.22
C LEU A 148 10.66 -11.74 11.60
N ARG A 149 11.61 -12.33 12.30
CA ARG A 149 12.16 -13.62 11.92
C ARG A 149 11.73 -14.70 12.97
N LEU A 150 11.15 -15.81 12.51
CA LEU A 150 10.56 -16.80 13.42
C LEU A 150 11.00 -18.22 13.16
N LYS A 151 11.18 -18.97 14.24
CA LYS A 151 11.35 -20.39 14.16
C LYS A 151 10.60 -21.03 15.32
N GLY A 152 9.55 -21.77 15.02
CA GLY A 152 8.78 -22.45 16.04
C GLY A 152 9.47 -23.75 16.42
N THR A 153 8.79 -24.60 17.17
CA THR A 153 9.42 -25.83 17.63
C THR A 153 8.47 -27.00 17.89
N LYS A 154 8.95 -28.22 17.63
CA LYS A 154 8.18 -29.45 17.89
C LYS A 154 8.05 -29.72 19.38
N ASN A 155 8.69 -28.90 20.20
CA ASN A 155 8.64 -29.08 21.64
C ASN A 155 8.07 -27.86 22.34
N LEU A 156 7.02 -27.31 21.75
CA LEU A 156 6.34 -26.14 22.29
C LEU A 156 5.87 -26.37 23.72
N ARG A 157 6.30 -25.50 24.63
CA ARG A 157 5.86 -25.59 26.02
C ARG A 157 4.61 -24.74 26.24
N PRO A 158 3.65 -25.23 27.03
CA PRO A 158 2.43 -24.47 27.30
C PRO A 158 2.72 -23.10 27.94
N ILE A 159 1.75 -22.18 27.85
CA ILE A 159 2.00 -20.84 28.36
C ILE A 159 1.14 -20.51 29.59
N HIS A 160 1.77 -19.90 30.57
CA HIS A 160 1.07 -19.36 31.71
C HIS A 160 1.37 -17.87 31.78
N TYR A 161 0.43 -17.05 31.33
CA TYR A 161 0.75 -15.67 31.08
C TYR A 161 -0.45 -14.79 31.35
N GLU A 162 -0.19 -13.61 31.88
CA GLU A 162 -1.24 -12.60 32.02
C GLU A 162 -0.88 -11.35 31.24
N LEU A 163 -1.76 -10.94 30.34
CA LEU A 163 -1.49 -9.78 29.48
C LEU A 163 -1.37 -8.50 30.28
N PRO A 164 -0.31 -7.71 30.04
CA PRO A 164 -0.18 -6.40 30.70
C PRO A 164 -1.13 -5.39 30.09
N ILE A 165 -1.35 -5.46 28.79
CA ILE A 165 -2.32 -4.61 28.11
C ILE A 165 -3.45 -5.46 27.53
N ALA A 166 -4.65 -4.92 27.49
CA ALA A 166 -5.74 -5.59 26.79
C ALA A 166 -5.36 -5.73 25.33
N SER A 167 -5.63 -6.90 24.76
CA SER A 167 -5.36 -7.15 23.34
C SER A 167 -5.96 -8.46 22.84
N ASN A 168 -6.98 -8.36 21.99
CA ASN A 168 -7.54 -9.54 21.36
C ASN A 168 -6.49 -10.22 20.46
N SER A 169 -5.65 -9.43 19.80
CA SER A 169 -4.62 -10.01 18.96
C SER A 169 -3.71 -10.98 19.74
N VAL A 170 -3.17 -10.51 20.86
CA VAL A 170 -2.23 -11.33 21.62
C VAL A 170 -2.89 -12.55 22.22
N LYS A 171 -4.13 -12.37 22.67
CA LYS A 171 -4.94 -13.45 23.22
C LYS A 171 -5.15 -14.54 22.19
N SER A 172 -5.44 -14.12 20.97
CA SER A 172 -5.59 -15.07 19.85
C SER A 172 -4.32 -15.86 19.51
N ALA A 173 -3.21 -15.15 19.34
CA ALA A 173 -1.94 -15.79 19.02
C ALA A 173 -1.60 -16.82 20.09
N LEU A 174 -1.74 -16.44 21.35
CA LEU A 174 -1.40 -17.34 22.45
C LEU A 174 -2.32 -18.55 22.48
N PHE A 176 -3.76 -19.86 19.69
CA PHE A 176 -3.32 -20.68 18.56
C PHE A 176 -2.09 -21.51 18.92
N ALA A 177 -1.11 -20.86 19.53
CA ALA A 177 0.08 -21.55 20.04
C ALA A 177 -0.26 -22.63 21.08
N ALA A 178 -1.07 -22.27 22.07
CA ALA A 178 -1.46 -23.19 23.12
C ALA A 178 -2.10 -24.47 22.56
N LEU A 179 -2.87 -24.33 21.49
CA LEU A 179 -3.49 -25.45 20.80
C LEU A 179 -2.47 -26.48 20.29
N GLN A 180 -1.22 -26.04 20.13
CA GLN A 180 -0.16 -26.86 19.57
C GLN A 180 0.82 -27.34 20.64
N ALA A 181 0.76 -26.71 21.82
CA ALA A 181 1.66 -27.06 22.90
C ALA A 181 1.19 -28.34 23.56
N LYS A 182 2.12 -29.10 24.12
CA LYS A 182 1.79 -30.31 24.88
C LYS A 182 1.56 -29.95 26.35
N GLY A 183 0.31 -29.87 26.76
CA GLY A 183 0.00 -29.56 28.14
C GLY A 183 -1.07 -28.51 28.34
N GLU A 184 -1.04 -27.87 29.50
CA GLU A 184 -2.11 -26.97 29.89
C GLU A 184 -1.68 -25.53 29.91
N SER A 185 -2.24 -24.73 29.01
CA SER A 185 -1.89 -23.33 29.00
C SER A 185 -2.97 -22.55 29.75
N VAL A 186 -2.54 -21.59 30.57
CA VAL A 186 -3.49 -20.66 31.16
C VAL A 186 -3.14 -19.26 30.65
N ILE A 187 -4.13 -18.56 30.12
CA ILE A 187 -3.94 -17.22 29.57
C ILE A 187 -4.96 -16.31 30.21
N ILE A 188 -4.49 -15.26 30.85
CA ILE A 188 -5.35 -14.37 31.61
C ILE A 188 -5.35 -12.97 31.01
N GLU A 189 -6.49 -12.53 30.48
CA GLU A 189 -6.53 -11.21 29.85
C GLU A 189 -6.68 -10.12 30.90
N LYS A 190 -6.28 -8.90 30.55
CA LYS A 190 -6.37 -7.79 31.49
C LYS A 190 -7.79 -7.27 31.48
N GLU A 191 -8.33 -7.04 30.28
CA GLU A 191 -9.72 -6.61 30.14
C GLU A 191 -10.49 -7.60 29.29
N TYR A 192 -11.81 -7.56 29.40
CA TYR A 192 -12.65 -8.38 28.55
C TYR A 192 -12.63 -7.84 27.12
N THR A 193 -11.98 -8.57 26.22
CA THR A 193 -12.01 -8.25 24.82
C THR A 193 -12.85 -9.32 24.15
N SER A 194 -13.07 -9.16 22.85
CA SER A 194 -13.92 -10.03 22.03
C SER A 194 -13.79 -11.54 22.28
N ASN A 195 -14.86 -12.27 21.97
CA ASN A 195 -14.88 -13.72 22.15
C ASN A 195 -14.79 -14.50 20.84
N HIS A 196 -14.48 -13.81 19.74
CA HIS A 196 -14.51 -14.43 18.41
C HIS A 196 -13.68 -15.71 18.33
N THR A 197 -12.49 -15.70 18.90
CA THR A 197 -11.58 -16.82 18.77
C THR A 197 -12.04 -18.01 19.59
N GLU A 198 -12.47 -17.70 20.82
CA GLU A 198 -13.07 -18.67 21.73
C GLU A 198 -14.26 -19.36 21.06
N ASP A 199 -15.13 -18.55 20.44
CA ASP A 199 -16.34 -19.06 19.80
C ASP A 199 -16.00 -19.97 18.63
N LEU A 201 -13.10 -21.36 17.91
CA LEU A 201 -12.30 -22.52 18.29
C LEU A 201 -13.24 -23.64 18.66
N GLN A 202 -14.33 -23.26 19.31
CA GLN A 202 -15.28 -24.26 19.77
C GLN A 202 -16.13 -24.74 18.61
N GLN A 203 -16.47 -23.83 17.70
CA GLN A 203 -17.20 -24.24 16.51
C GLN A 203 -16.37 -25.19 15.66
N PHE A 204 -15.06 -25.01 15.68
CA PHE A 204 -14.18 -25.89 14.90
C PHE A 204 -13.81 -27.16 15.67
N GLY A 205 -14.42 -27.34 16.85
CA GLY A 205 -14.37 -28.61 17.56
C GLY A 205 -13.30 -28.71 18.63
N GLY A 206 -12.76 -27.56 19.04
CA GLY A 206 -11.72 -27.52 20.05
C GLY A 206 -12.31 -27.18 21.40
N HIS A 207 -11.53 -27.38 22.47
CA HIS A 207 -12.05 -27.20 23.81
C HIS A 207 -11.25 -26.21 24.61
N LEU A 208 -11.96 -25.33 25.28
CA LEU A 208 -11.36 -24.46 26.28
C LEU A 208 -12.27 -24.35 27.50
N SER A 209 -11.77 -23.71 28.53
CA SER A 209 -12.54 -23.45 29.74
C SER A 209 -12.36 -21.99 30.11
N VAL A 210 -13.46 -21.23 30.21
CA VAL A 210 -13.33 -19.83 30.61
C VAL A 210 -13.89 -19.59 32.02
N ASP A 211 -13.12 -18.88 32.84
CA ASP A 211 -13.50 -18.60 34.21
C ASP A 211 -13.26 -17.12 34.47
N GLY A 212 -14.09 -16.26 33.91
CA GLY A 212 -13.88 -14.83 34.03
C GLY A 212 -12.95 -14.28 32.97
N LYS A 213 -11.71 -13.99 33.37
CA LYS A 213 -10.70 -13.52 32.44
C LYS A 213 -9.69 -14.63 32.21
N LYS A 214 -9.86 -15.73 32.96
CA LYS A 214 -8.95 -16.86 32.92
C LYS A 214 -9.32 -17.80 31.78
N ILE A 215 -8.45 -17.92 30.78
CA ILE A 215 -8.66 -18.86 29.68
C ILE A 215 -7.69 -20.04 29.79
N THR A 216 -8.26 -21.25 29.79
CA THR A 216 -7.49 -22.47 29.95
C THR A 216 -7.64 -23.32 28.69
N VAL A 217 -6.52 -23.74 28.12
CA VAL A 217 -6.52 -24.44 26.82
C VAL A 217 -5.58 -25.63 26.87
N GLN A 218 -6.12 -26.83 26.68
CA GLN A 218 -5.30 -28.04 26.73
C GLN A 218 -4.81 -28.38 25.34
N GLY A 219 -3.51 -28.60 25.21
CA GLY A 219 -2.97 -28.99 23.91
C GLY A 219 -2.25 -30.32 23.98
N PRO A 220 -2.11 -31.00 22.85
CA PRO A 220 -2.46 -30.51 21.53
C PRO A 220 -3.86 -30.90 21.14
N GLN A 221 -4.47 -30.11 20.24
CA GLN A 221 -5.82 -30.39 19.80
C GLN A 221 -5.90 -30.67 18.29
N LYS A 222 -6.97 -31.33 17.85
CA LYS A 222 -7.26 -31.46 16.42
C LYS A 222 -8.58 -30.77 16.19
N LEU A 223 -8.72 -30.11 15.04
CA LEU A 223 -9.96 -29.43 14.68
C LEU A 223 -10.58 -30.06 13.42
N THR A 224 -11.85 -29.80 13.18
CA THR A 224 -12.57 -30.38 12.05
C THR A 224 -13.08 -29.26 11.12
N GLY A 225 -12.93 -29.44 9.81
CA GLY A 225 -13.44 -28.47 8.85
C GLY A 225 -14.91 -28.10 9.03
N GLN A 226 -15.24 -26.81 8.87
CA GLN A 226 -16.62 -26.33 9.03
C GLN A 226 -17.09 -25.58 7.81
N LYS A 227 -18.39 -25.45 7.71
CA LYS A 227 -19.03 -24.49 6.83
C LYS A 227 -19.15 -23.28 7.74
N VAL A 228 -18.61 -22.14 7.32
CA VAL A 228 -18.72 -20.94 8.14
C VAL A 228 -19.47 -19.90 7.37
N VAL A 229 -20.51 -19.34 7.99
CA VAL A 229 -21.16 -18.18 7.43
C VAL A 229 -20.74 -16.99 8.26
N VAL A 230 -19.92 -16.12 7.67
CA VAL A 230 -19.47 -14.92 8.36
C VAL A 230 -20.64 -13.93 8.53
N PRO A 231 -20.86 -13.46 9.76
CA PRO A 231 -21.96 -12.54 9.98
C PRO A 231 -21.59 -11.14 9.51
N GLY A 232 -22.60 -10.36 9.15
CA GLY A 232 -22.40 -8.99 8.74
C GLY A 232 -21.66 -8.17 9.79
N ASP A 233 -20.83 -7.28 9.31
CA ASP A 233 -20.12 -6.38 10.20
C ASP A 233 -21.16 -5.58 10.97
N ILE A 234 -20.86 -5.31 12.23
CA ILE A 234 -21.71 -4.54 13.12
C ILE A 234 -21.61 -3.04 12.79
N SER A 235 -20.39 -2.53 12.84
CA SER A 235 -20.12 -1.12 12.59
C SER A 235 -20.66 -0.65 11.21
N SER A 236 -20.37 -1.39 10.15
CA SER A 236 -20.89 -1.08 8.82
C SER A 236 -22.41 -1.01 8.77
N ALA A 237 -23.08 -1.99 9.37
CA ALA A 237 -24.55 -2.00 9.43
C ALA A 237 -25.09 -0.75 10.14
N ALA A 238 -24.46 -0.38 11.25
CA ALA A 238 -24.88 0.78 11.99
C ALA A 238 -24.70 2.05 11.18
N PHE A 239 -23.57 2.12 10.50
CA PHE A 239 -23.22 3.22 9.65
C PHE A 239 -24.30 3.49 8.58
N TRP A 240 -24.65 2.47 7.81
CA TRP A 240 -25.62 2.65 6.74
C TRP A 240 -27.02 2.95 7.27
N LEU A 241 -27.38 2.40 8.43
CA LEU A 241 -28.71 2.65 8.98
C LEU A 241 -28.85 4.13 9.22
N VAL A 242 -27.83 4.73 9.80
CA VAL A 242 -27.85 6.13 10.16
C VAL A 242 -27.93 7.00 8.88
N ALA A 243 -27.08 6.68 7.91
CA ALA A 243 -27.09 7.34 6.61
C ALA A 243 -28.47 7.38 5.97
N GLY A 244 -29.09 6.22 5.84
CA GLY A 244 -30.42 6.12 5.27
C GLY A 244 -31.51 6.80 6.07
N LEU A 245 -31.27 7.07 7.35
CA LEU A 245 -32.27 7.78 8.17
C LEU A 245 -32.15 9.30 8.06
N ILE A 246 -30.93 9.79 7.92
CA ILE A 246 -30.70 11.22 8.00
C ILE A 246 -30.58 11.90 6.64
N ALA A 247 -30.22 11.13 5.62
CA ALA A 247 -30.19 11.65 4.28
C ALA A 247 -31.61 11.98 3.78
N PRO A 248 -31.75 13.12 3.10
CA PRO A 248 -33.01 13.58 2.48
C PRO A 248 -33.48 12.67 1.34
N ASN A 249 -34.79 12.52 1.19
CA ASN A 249 -35.40 11.60 0.24
C ASN A 249 -34.66 10.26 0.11
N SER A 250 -34.63 9.51 1.21
CA SER A 250 -33.80 8.31 1.28
C SER A 250 -34.56 7.02 1.54
N ARG A 251 -34.09 5.96 0.91
CA ARG A 251 -34.57 4.63 1.20
C ARG A 251 -33.44 3.65 0.91
N LEU A 252 -32.93 2.99 1.95
CA LEU A 252 -31.88 2.01 1.80
C LEU A 252 -32.36 0.63 2.20
N VAL A 253 -32.10 -0.34 1.34
CA VAL A 253 -32.36 -1.72 1.66
C VAL A 253 -31.02 -2.29 2.06
N LEU A 254 -30.89 -2.62 3.34
CA LEU A 254 -29.60 -3.07 3.88
C LEU A 254 -29.70 -4.59 4.14
N GLN A 255 -29.06 -5.39 3.28
CA GLN A 255 -29.09 -6.85 3.43
C GLN A 255 -28.00 -7.38 4.36
N ASN A 256 -28.17 -8.62 4.83
CA ASN A 256 -27.13 -9.28 5.60
C ASN A 256 -26.79 -8.57 6.95
N VAL A 257 -27.79 -8.02 7.62
CA VAL A 257 -27.54 -7.40 8.93
C VAL A 257 -27.59 -8.48 10.01
N GLY A 258 -26.55 -8.57 10.83
CA GLY A 258 -26.53 -9.60 11.85
C GLY A 258 -27.50 -9.25 12.97
N ILE A 259 -28.31 -10.22 13.39
CA ILE A 259 -29.16 -10.00 14.55
C ILE A 259 -28.41 -10.40 15.81
N GLU A 260 -27.81 -9.41 16.45
CA GLU A 260 -27.08 -9.60 17.70
C GLU A 260 -27.36 -8.34 18.51
N GLU A 261 -26.85 -8.26 19.73
CA GLU A 261 -27.30 -7.24 20.66
C GLU A 261 -26.95 -5.79 20.29
N THR A 262 -25.80 -5.58 19.64
CA THR A 262 -25.43 -4.21 19.28
C THR A 262 -26.43 -3.58 18.30
N LEU A 263 -26.77 -4.27 17.23
CA LEU A 263 -27.79 -3.76 16.28
C LEU A 263 -29.18 -3.73 16.90
N THR A 264 -29.50 -4.78 17.65
CA THR A 264 -30.78 -4.86 18.38
C THR A 264 -31.05 -3.61 19.20
N GLY A 265 -30.02 -3.14 19.91
CA GLY A 265 -30.15 -1.98 20.78
C GLY A 265 -30.07 -0.68 20.02
N ILE A 266 -29.36 -0.68 18.89
CA ILE A 266 -29.35 0.47 18.01
C ILE A 266 -30.72 0.57 17.32
N ILE A 267 -31.27 -0.57 16.91
CA ILE A 267 -32.61 -0.57 16.35
C ILE A 267 -33.65 0.05 17.29
N ASP A 268 -33.64 -0.35 18.56
CA ASP A 268 -34.59 0.20 19.54
C ASP A 268 -34.41 1.71 19.73
N VAL A 269 -33.16 2.18 19.83
CA VAL A 269 -32.86 3.61 19.90
C VAL A 269 -33.45 4.37 18.72
N ILE A 270 -33.20 3.86 17.51
CA ILE A 270 -33.77 4.43 16.29
C ILE A 270 -35.31 4.57 16.37
N ARG A 271 -36.02 3.48 16.58
CA ARG A 271 -37.47 3.52 16.79
C ARG A 271 -37.91 4.57 17.84
N ALA A 272 -37.30 4.52 19.02
CA ALA A 272 -37.53 5.50 20.07
C ALA A 272 -37.38 6.94 19.58
N GLY A 274 -37.98 7.96 16.51
CA GLY A 274 -38.92 8.26 15.45
C GLY A 274 -38.47 7.74 14.10
N GLY A 275 -37.43 6.90 14.10
CA GLY A 275 -36.88 6.37 12.86
C GLY A 275 -37.83 5.50 12.05
N LYS A 276 -37.69 5.55 10.73
CA LYS A 276 -38.49 4.69 9.86
C LYS A 276 -37.64 3.52 9.42
N LEU A 277 -37.91 2.37 10.03
CA LEU A 277 -37.06 1.20 9.87
C LEU A 277 -37.96 -0.02 9.88
N GLU A 278 -37.86 -0.84 8.83
CA GLU A 278 -38.62 -2.08 8.76
C GLU A 278 -37.68 -3.29 8.73
N ILE A 279 -38.06 -4.33 9.46
CA ILE A 279 -37.23 -5.51 9.54
C ILE A 279 -37.87 -6.56 8.64
N THR A 280 -37.10 -7.10 7.71
CA THR A 280 -37.61 -8.11 6.78
C THR A 280 -36.63 -9.22 6.49
N GLU A 281 -37.13 -10.21 5.76
CA GLU A 281 -36.34 -11.35 5.32
C GLU A 281 -35.51 -11.84 6.44
N ILE A 282 -36.12 -12.04 7.60
CA ILE A 282 -35.41 -12.62 8.72
C ILE A 282 -35.01 -14.05 8.35
N ASP A 283 -33.74 -14.36 8.53
CA ASP A 283 -33.24 -15.71 8.40
C ASP A 283 -32.93 -16.19 9.82
N PRO A 284 -33.89 -16.89 10.47
CA PRO A 284 -33.74 -17.29 11.88
C PRO A 284 -32.58 -18.25 12.15
N VAL A 285 -32.19 -19.07 11.18
CA VAL A 285 -31.02 -19.91 11.43
C VAL A 285 -29.71 -19.15 11.30
N ALA A 286 -29.61 -18.31 10.27
CA ALA A 286 -28.41 -17.50 10.02
C ALA A 286 -28.28 -16.31 10.98
N LYS A 287 -29.38 -15.95 11.64
CA LYS A 287 -29.44 -14.75 12.48
C LYS A 287 -29.08 -13.47 11.69
N SER A 288 -29.80 -13.25 10.60
CA SER A 288 -29.57 -12.08 9.80
C SER A 288 -30.92 -11.59 9.36
N ALA A 289 -30.96 -10.36 8.88
CA ALA A 289 -32.20 -9.73 8.45
C ALA A 289 -31.92 -8.70 7.38
N THR A 290 -32.95 -8.38 6.58
CA THR A 290 -32.91 -7.18 5.77
C THR A 290 -33.58 -6.00 6.49
N LEU A 291 -32.87 -4.89 6.58
CA LEU A 291 -33.39 -3.68 7.20
C LEU A 291 -33.70 -2.66 6.12
N ILE A 292 -34.84 -2.00 6.22
CA ILE A 292 -35.16 -0.93 5.28
C ILE A 292 -35.34 0.34 6.05
N VAL A 293 -34.50 1.34 5.77
CA VAL A 293 -34.64 2.62 6.45
C VAL A 293 -35.04 3.70 5.47
N GLU A 294 -35.77 4.68 5.97
CA GLU A 294 -36.14 5.81 5.16
C GLU A 294 -35.83 7.11 5.89
N SER A 295 -35.85 8.23 5.16
CA SER A 295 -35.69 9.57 5.74
C SER A 295 -36.69 9.80 6.84
N SER A 296 -36.19 10.23 7.99
CA SER A 296 -37.01 10.25 9.20
C SER A 296 -36.90 11.57 9.95
N ASP A 297 -37.99 11.97 10.57
CA ASP A 297 -37.94 13.15 11.43
C ASP A 297 -37.66 12.68 12.84
N LEU A 298 -36.42 12.87 13.26
CA LEU A 298 -35.91 12.27 14.50
C LEU A 298 -36.08 13.18 15.70
N LYS A 299 -36.24 12.56 16.86
CA LYS A 299 -36.37 13.32 18.10
C LYS A 299 -35.34 12.79 19.07
N GLY A 300 -34.70 13.70 19.83
CA GLY A 300 -33.68 13.32 20.79
C GLY A 300 -34.12 12.22 21.76
N THR A 301 -33.16 11.50 22.32
CA THR A 301 -33.48 10.46 23.28
C THR A 301 -32.31 10.13 24.20
N GLU A 302 -32.56 9.28 25.19
CA GLU A 302 -31.50 8.77 26.04
C GLU A 302 -30.85 7.60 25.34
N ILE A 303 -29.52 7.58 25.29
CA ILE A 303 -28.79 6.42 24.79
C ILE A 303 -27.83 5.91 25.86
N CYS A 304 -28.31 4.92 26.62
CA CYS A 304 -27.48 4.21 27.60
C CYS A 304 -26.54 3.20 26.90
N GLY A 305 -25.23 3.46 26.97
CA GLY A 305 -24.22 2.55 26.46
C GLY A 305 -24.34 1.17 27.09
N ALA A 306 -24.88 1.15 28.29
CA ALA A 306 -25.26 -0.09 28.95
C ALA A 306 -26.08 -0.97 28.01
N LEU A 307 -27.05 -0.36 27.34
CA LEU A 307 -27.97 -1.07 26.45
C LEU A 307 -27.39 -1.35 25.04
N ILE A 308 -26.19 -0.86 24.77
CA ILE A 308 -25.54 -1.13 23.48
C ILE A 308 -24.07 -1.48 23.68
N PRO A 309 -23.72 -2.77 23.54
CA PRO A 309 -22.38 -3.24 23.87
C PRO A 309 -21.31 -2.48 23.12
N ARG A 310 -21.27 -2.64 21.82
CA ARG A 310 -20.16 -2.12 21.04
C ARG A 310 -20.20 -0.60 20.91
N LEU A 311 -21.07 0.04 21.70
CA LEU A 311 -21.37 1.46 21.54
C LEU A 311 -20.17 2.36 21.18
N ILE A 312 -19.08 2.20 21.92
CA ILE A 312 -17.89 3.05 21.76
C ILE A 312 -17.37 3.04 20.32
N ASP A 313 -17.47 1.89 19.68
CA ASP A 313 -17.11 1.76 18.28
C ASP A 313 -18.02 2.61 17.40
N GLU A 314 -19.30 2.68 17.76
CA GLU A 314 -20.30 3.32 16.92
C GLU A 314 -20.55 4.79 17.28
N LEU A 315 -19.80 5.28 18.25
CA LEU A 315 -19.93 6.66 18.69
C LEU A 315 -19.92 7.69 17.55
N PRO A 316 -18.96 7.59 16.63
CA PRO A 316 -18.98 8.58 15.53
C PRO A 316 -20.29 8.59 14.74
N ILE A 317 -20.79 7.44 14.30
CA ILE A 317 -21.99 7.41 13.48
C ILE A 317 -23.26 7.71 14.28
N ILE A 318 -23.27 7.33 15.57
CA ILE A 318 -24.41 7.60 16.44
C ILE A 318 -24.51 9.06 16.91
N ALA A 319 -23.37 9.75 16.93
CA ALA A 319 -23.35 11.14 17.31
C ALA A 319 -23.92 11.94 16.15
N LEU A 320 -23.54 11.54 14.94
CA LEU A 320 -24.05 12.15 13.73
C LEU A 320 -25.56 11.99 13.74
N LEU A 321 -26.01 10.79 14.09
CA LEU A 321 -27.42 10.52 14.21
C LEU A 321 -28.13 11.52 15.12
N ALA A 322 -27.61 11.68 16.34
CA ALA A 322 -28.23 12.51 17.37
C ALA A 322 -28.20 13.99 16.98
N THR A 323 -27.17 14.33 16.22
CA THR A 323 -27.00 15.65 15.68
C THR A 323 -28.22 16.04 14.86
N GLN A 324 -28.91 15.04 14.31
CA GLN A 324 -30.02 15.28 13.40
C GLN A 324 -31.40 15.16 14.02
N ALA A 325 -31.46 14.77 15.29
CA ALA A 325 -32.73 14.67 16.00
C ALA A 325 -33.08 15.96 16.75
N GLN A 326 -34.31 16.42 16.63
CA GLN A 326 -34.78 17.64 17.31
C GLN A 326 -34.80 17.49 18.83
N GLY A 327 -33.93 18.21 19.52
CA GLY A 327 -33.89 18.18 20.97
C GLY A 327 -32.59 17.63 21.51
N VAL A 328 -32.65 17.04 22.70
CA VAL A 328 -31.44 16.63 23.40
C VAL A 328 -31.28 15.12 23.43
N THR A 329 -30.08 14.67 23.09
CA THR A 329 -29.71 13.27 23.22
C THR A 329 -28.56 13.18 24.21
N VAL A 330 -28.80 12.49 25.32
CA VAL A 330 -27.72 12.21 26.25
C VAL A 330 -27.17 10.79 26.05
N ILE A 331 -25.91 10.71 25.68
CA ILE A 331 -25.20 9.44 25.65
C ILE A 331 -24.39 9.30 26.92
N LYS A 332 -24.86 8.47 27.85
CA LYS A 332 -24.16 8.21 29.10
C LYS A 332 -23.75 6.76 29.14
N ASP A 333 -22.46 6.51 29.31
CA ASP A 333 -21.95 5.15 29.43
C ASP A 333 -22.03 4.74 30.89
N ALA A 334 -22.46 3.49 31.12
CA ALA A 334 -22.68 3.02 32.48
C ALA A 334 -21.37 2.79 33.22
N GLU A 335 -20.38 2.26 32.51
CA GLU A 335 -19.07 2.00 33.07
C GLU A 335 -18.14 3.17 32.75
N GLU A 336 -17.12 3.35 33.60
CA GLU A 336 -16.08 4.37 33.42
C GLU A 336 -15.45 4.32 32.04
N LEU A 337 -15.04 5.48 31.56
CA LEU A 337 -14.35 5.54 30.29
C LEU A 337 -12.86 5.30 30.48
N LYS A 338 -12.27 4.58 29.55
CA LYS A 338 -10.81 4.48 29.46
C LYS A 338 -10.32 5.65 28.63
N VAL A 339 -9.05 6.00 28.80
CA VAL A 339 -8.42 7.09 28.05
C VAL A 339 -8.76 7.16 26.55
N LYS A 340 -8.67 6.04 25.84
CA LYS A 340 -8.95 6.05 24.41
C LYS A 340 -10.42 6.30 24.07
N GLU A 341 -11.30 5.95 25.01
CA GLU A 341 -12.74 6.15 24.86
C GLU A 341 -13.06 7.63 25.06
N THR A 342 -12.56 8.18 26.15
CA THR A 342 -12.67 9.62 26.43
C THR A 342 -12.07 10.44 25.28
N ASP A 343 -10.95 9.98 24.73
CA ASP A 343 -10.34 10.61 23.57
C ASP A 343 -11.22 10.52 22.32
N ARG A 344 -11.87 9.38 22.13
CA ARG A 344 -12.72 9.18 20.95
C ARG A 344 -13.91 10.16 20.94
N ILE A 345 -14.55 10.30 22.09
CA ILE A 345 -15.62 11.28 22.30
C ILE A 345 -15.17 12.69 21.91
N GLN A 346 -14.06 13.14 22.49
CA GLN A 346 -13.49 14.44 22.18
C GLN A 346 -13.31 14.64 20.67
N VAL A 347 -12.73 13.68 19.97
CA VAL A 347 -12.44 13.86 18.55
C VAL A 347 -13.72 13.96 17.72
N VAL A 348 -14.69 13.12 18.08
CA VAL A 348 -16.01 13.16 17.48
C VAL A 348 -16.72 14.50 17.70
N ALA A 349 -16.76 14.93 18.94
CA ALA A 349 -17.36 16.20 19.28
C ALA A 349 -16.68 17.34 18.53
N ASP A 350 -15.35 17.28 18.47
CA ASP A 350 -14.60 18.35 17.83
C ASP A 350 -14.97 18.45 16.35
N ALA A 351 -14.95 17.32 15.65
CA ALA A 351 -15.23 17.34 14.22
C ALA A 351 -16.67 17.77 13.89
N LEU A 352 -17.65 17.23 14.62
CA LEU A 352 -19.02 17.55 14.31
C LEU A 352 -19.35 18.97 14.72
N ASN A 353 -18.76 19.41 15.82
CA ASN A 353 -18.96 20.79 16.24
C ASN A 353 -18.31 21.76 15.24
N SER A 354 -17.24 21.30 14.60
CA SER A 354 -16.56 22.14 13.59
C SER A 354 -17.42 22.23 12.35
N GLY A 356 -20.81 22.46 12.72
CA GLY A 356 -22.04 23.12 13.12
C GLY A 356 -22.87 22.37 14.16
N ALA A 357 -22.38 21.24 14.65
CA ALA A 357 -23.14 20.51 15.64
C ALA A 357 -23.08 21.23 16.98
N ASP A 358 -23.78 20.68 17.97
CA ASP A 358 -23.76 21.22 19.33
C ASP A 358 -23.50 20.06 20.30
N ILE A 359 -22.25 19.62 20.38
CA ILE A 359 -21.88 18.48 21.20
C ILE A 359 -21.03 18.88 22.40
N THR A 360 -21.50 18.49 23.58
CA THR A 360 -20.82 18.73 24.85
C THR A 360 -20.27 17.40 25.40
N PRO A 361 -18.94 17.19 25.34
CA PRO A 361 -18.38 16.01 26.01
C PRO A 361 -18.62 16.04 27.52
N THR A 362 -18.87 14.86 28.10
CA THR A 362 -19.10 14.75 29.54
C THR A 362 -18.16 13.71 30.15
N ALA A 363 -18.16 13.63 31.47
CA ALA A 363 -17.38 12.60 32.16
C ALA A 363 -17.85 11.21 31.71
N ASP A 364 -19.15 11.07 31.46
CA ASP A 364 -19.71 9.77 31.11
C ASP A 364 -20.17 9.63 29.66
N GLY A 365 -19.66 10.42 28.73
CA GLY A 365 -20.15 10.37 27.36
C GLY A 365 -20.32 11.77 26.77
N ILE A 367 -23.41 15.02 25.51
CA ILE A 367 -24.73 15.61 25.31
C ILE A 367 -24.74 16.15 23.90
N ILE A 368 -25.81 15.88 23.15
CA ILE A 368 -25.94 16.44 21.81
C ILE A 368 -27.25 17.21 21.69
N LYS A 369 -27.17 18.45 21.22
CA LYS A 369 -28.37 19.26 20.98
C LYS A 369 -28.68 19.32 19.48
N GLY A 370 -29.89 18.94 19.11
CA GLY A 370 -30.16 18.48 17.77
C GLY A 370 -31.05 19.16 16.73
N LYS A 371 -31.07 18.50 15.57
CA LYS A 371 -31.31 19.11 14.27
C LYS A 371 -30.42 20.31 14.07
N SER A 372 -29.16 20.02 13.78
CA SER A 372 -28.18 21.03 13.45
C SER A 372 -28.06 21.11 11.93
N ALA A 373 -28.27 22.31 11.39
CA ALA A 373 -27.99 22.52 9.99
C ALA A 373 -26.49 22.51 9.87
N LEU A 374 -25.95 21.46 9.28
CA LEU A 374 -24.51 21.30 9.22
C LEU A 374 -23.90 22.24 8.20
N HIS A 375 -22.65 22.63 8.44
CA HIS A 375 -21.96 23.50 7.50
C HIS A 375 -20.58 22.96 7.14
N GLY A 376 -19.90 23.65 6.22
CA GLY A 376 -18.60 23.20 5.77
C GLY A 376 -17.58 23.21 6.89
N ALA A 377 -16.44 22.59 6.67
CA ALA A 377 -15.38 22.50 7.66
C ALA A 377 -14.23 21.68 7.10
N ARG A 378 -13.06 21.84 7.72
CA ARG A 378 -11.92 20.94 7.47
C ARG A 378 -11.69 20.06 8.70
N VAL A 379 -11.52 18.77 8.48
CA VAL A 379 -11.36 17.79 9.55
C VAL A 379 -10.51 16.66 9.01
N ASN A 380 -9.50 16.26 9.77
CA ASN A 380 -8.68 15.12 9.39
C ASN A 380 -9.11 13.87 10.15
N THR A 381 -9.08 12.73 9.46
CA THR A 381 -9.47 11.46 10.05
C THR A 381 -8.59 11.13 11.26
N PHE A 382 -7.29 11.41 11.12
CA PHE A 382 -6.27 11.00 12.09
C PHE A 382 -6.17 9.49 12.16
N GLY A 383 -6.34 8.84 11.02
CA GLY A 383 -6.25 7.39 10.93
C GLY A 383 -7.56 6.64 11.09
N ASP A 384 -8.44 7.18 11.95
CA ASP A 384 -9.72 6.53 12.27
C ASP A 384 -10.70 6.62 11.10
N HIS A 385 -10.88 5.51 10.39
CA HIS A 385 -11.79 5.51 9.25
C HIS A 385 -13.25 5.80 9.65
N ARG A 386 -13.66 5.35 10.84
CA ARG A 386 -15.04 5.55 11.28
C ARG A 386 -15.32 7.04 11.28
N ILE A 387 -14.38 7.79 11.83
CA ILE A 387 -14.51 9.24 11.98
C ILE A 387 -14.59 9.87 10.60
N GLY A 388 -13.84 9.28 9.67
CA GLY A 388 -13.85 9.71 8.28
C GLY A 388 -15.18 9.46 7.58
N THR A 391 -17.85 11.61 8.75
CA THR A 391 -17.71 12.91 8.10
C THR A 391 -18.24 12.87 6.66
N ALA A 392 -18.03 11.75 5.97
CA ALA A 392 -18.61 11.55 4.64
C ALA A 392 -20.14 11.68 4.64
N ILE A 393 -20.81 10.93 5.51
CA ILE A 393 -22.27 11.05 5.59
C ILE A 393 -22.66 12.45 6.04
N ALA A 394 -21.90 13.01 6.99
CA ALA A 394 -22.15 14.36 7.47
C ALA A 394 -22.05 15.36 6.32
N ALA A 395 -21.11 15.09 5.42
CA ALA A 395 -20.91 15.90 4.21
C ALA A 395 -22.15 15.96 3.29
N LEU A 396 -22.82 14.82 3.13
CA LEU A 396 -24.03 14.76 2.30
C LEU A 396 -25.13 15.71 2.78
N LEU A 397 -25.11 16.00 4.08
CA LEU A 397 -26.14 16.84 4.69
C LEU A 397 -25.79 18.33 4.63
N VAL A 398 -24.62 18.65 4.10
CA VAL A 398 -24.14 20.03 4.06
C VAL A 398 -24.80 20.86 2.96
N ALA A 399 -25.59 21.84 3.36
CA ALA A 399 -26.31 22.69 2.41
C ALA A 399 -25.35 23.48 1.53
N ASP A 400 -24.35 24.09 2.14
CA ASP A 400 -23.31 24.79 1.38
C ASP A 400 -22.03 24.94 2.17
N GLY A 401 -20.93 25.04 1.45
CA GLY A 401 -19.63 25.02 2.07
C GLY A 401 -18.96 23.75 1.58
N GLU A 402 -17.69 23.58 1.92
CA GLU A 402 -16.98 22.41 1.46
C GLU A 402 -16.54 21.56 2.64
N VAL A 403 -16.18 20.33 2.36
CA VAL A 403 -15.73 19.45 3.41
C VAL A 403 -14.40 18.84 2.99
N GLU A 404 -13.32 19.40 3.51
CA GLU A 404 -11.99 18.85 3.27
C GLU A 404 -11.68 17.78 4.32
N LEU A 405 -11.11 16.67 3.87
CA LEU A 405 -10.83 15.54 4.73
C LEU A 405 -9.57 14.89 4.18
N ASP A 406 -8.40 15.38 4.60
CA ASP A 406 -7.16 15.06 3.91
C ASP A 406 -6.64 13.63 4.09
N ARG A 407 -6.43 13.20 5.33
CA ARG A 407 -5.88 11.87 5.58
C ARG A 407 -6.88 10.75 5.34
N ALA A 408 -7.59 10.82 4.21
CA ALA A 408 -8.64 9.86 3.91
C ALA A 408 -8.10 8.60 3.26
N GLU A 409 -6.89 8.23 3.63
CA GLU A 409 -6.48 6.85 3.49
C GLU A 409 -7.45 6.13 4.42
N ALA A 410 -8.28 5.27 3.85
CA ALA A 410 -9.39 4.63 4.55
C ALA A 410 -9.93 3.60 3.59
N ILE A 411 -9.33 2.42 3.62
CA ILE A 411 -9.45 1.54 2.49
C ILE A 411 -8.92 0.16 2.87
N PRO A 416 -13.24 1.13 1.48
CA PRO A 416 -12.64 0.41 0.36
C PRO A 416 -13.39 0.60 -0.96
N SER A 417 -14.62 0.10 -1.04
CA SER A 417 -15.48 0.36 -2.18
C SER A 417 -16.46 1.47 -1.81
N PHE A 418 -16.26 2.03 -0.62
CA PHE A 418 -17.21 2.94 0.02
C PHE A 418 -17.75 4.06 -0.86
N PHE A 419 -16.88 4.72 -1.62
CA PHE A 419 -17.28 5.88 -2.38
C PHE A 419 -18.09 5.53 -3.61
N ASP A 420 -17.78 4.38 -4.21
CA ASP A 420 -18.51 3.91 -5.37
C ASP A 420 -19.94 3.64 -4.94
N ASP A 421 -20.06 3.01 -3.78
CA ASP A 421 -21.36 2.74 -3.17
C ASP A 421 -22.11 4.03 -2.91
N LEU A 422 -21.45 4.99 -2.27
CA LEU A 422 -22.12 6.24 -1.98
C LEU A 422 -22.51 6.95 -3.27
N GLU A 423 -21.69 6.79 -4.31
CA GLU A 423 -22.08 7.33 -5.63
C GLU A 423 -23.27 6.56 -6.20
N SER A 424 -23.24 5.22 -6.09
CA SER A 424 -24.33 4.37 -6.53
C SER A 424 -25.68 4.83 -5.96
N LEU A 425 -25.70 5.09 -4.65
CA LEU A 425 -26.92 5.52 -3.97
C LEU A 425 -27.32 6.95 -4.34
N ILE A 426 -26.36 7.76 -4.77
CA ILE A 426 -26.70 9.12 -5.14
C ILE A 426 -27.51 9.21 -6.45
N HIS A 427 -27.37 8.22 -7.33
CA HIS A 427 -28.09 8.23 -8.62
C HIS A 427 -29.16 7.15 -8.80
N GLY A 428 -29.54 6.44 -7.73
CA GLY A 428 -30.61 5.48 -7.80
C GLY A 428 -31.99 6.10 -7.55
N LEU A 429 -33.02 5.54 -8.19
CA LEU A 429 -34.43 5.85 -7.89
C LEU A 429 -35.41 4.98 -8.69
N LYS B 3 -13.77 11.03 -10.49
CA LYS B 3 -14.11 12.08 -11.45
C LYS B 3 -13.09 13.22 -11.36
N LEU B 4 -12.07 13.16 -12.22
CA LEU B 4 -10.94 14.08 -12.20
C LEU B 4 -11.38 15.52 -12.43
N LYS B 5 -10.72 16.47 -11.77
CA LYS B 5 -11.05 17.90 -11.93
C LYS B 5 -10.91 18.38 -13.38
N THR B 6 -11.94 19.05 -13.87
CA THR B 6 -12.05 19.45 -15.28
C THR B 6 -11.89 20.96 -15.50
N ASN B 7 -11.51 21.34 -16.72
CA ASN B 7 -11.42 22.73 -17.18
C ASN B 7 -10.68 23.71 -16.23
N ILE B 8 -9.40 23.48 -15.97
CA ILE B 8 -8.69 24.34 -15.02
C ILE B 8 -8.34 25.70 -15.61
N ARG B 9 -7.88 26.61 -14.76
CA ARG B 9 -7.73 28.03 -15.13
C ARG B 9 -6.34 28.63 -14.85
N HIS B 10 -5.76 28.33 -13.69
CA HIS B 10 -4.42 28.82 -13.38
C HIS B 10 -3.57 27.89 -12.49
N LEU B 11 -2.56 27.28 -13.13
CA LEU B 11 -1.61 26.39 -12.49
C LEU B 11 -0.34 27.18 -12.12
N HIS B 12 0.02 27.16 -10.85
CA HIS B 12 1.18 27.89 -10.35
C HIS B 12 1.73 27.15 -9.13
N GLY B 13 3.05 27.13 -8.98
CA GLY B 13 3.65 26.47 -7.82
C GLY B 13 5.06 25.93 -7.96
N ILE B 14 5.60 25.42 -6.85
CA ILE B 14 6.91 24.79 -6.79
C ILE B 14 6.80 23.34 -6.39
N ILE B 15 6.91 22.43 -7.35
CA ILE B 15 6.87 21.00 -7.07
C ILE B 15 8.24 20.39 -6.87
N ARG B 16 8.42 19.60 -5.81
CA ARG B 16 9.58 18.76 -5.66
C ARG B 16 9.17 17.29 -5.73
N VAL B 17 9.14 16.76 -6.94
CA VAL B 17 8.73 15.39 -7.18
C VAL B 17 9.46 14.37 -6.31
N PRO B 18 8.85 13.20 -6.10
CA PRO B 18 9.48 12.09 -5.37
C PRO B 18 10.83 11.61 -6.00
N GLY B 19 11.77 11.19 -5.16
CA GLY B 19 13.08 10.77 -5.61
C GLY B 19 13.10 9.53 -6.51
N ASP B 20 14.08 9.48 -7.41
CA ASP B 20 14.30 8.28 -8.22
C ASP B 20 14.51 7.04 -7.35
N SER B 21 13.80 5.97 -7.69
CA SER B 21 13.86 4.76 -6.91
C SER B 21 15.26 4.15 -6.97
N SER B 22 15.83 4.09 -8.17
CA SER B 22 17.08 3.36 -8.34
C SER B 22 18.28 4.15 -7.82
N ILE B 23 18.26 5.47 -7.95
CA ILE B 23 19.34 6.26 -7.36
C ILE B 23 19.30 6.10 -5.84
N SER B 24 18.10 5.98 -5.29
CA SER B 24 17.92 5.81 -3.85
C SER B 24 18.45 4.47 -3.35
N VAL B 25 18.12 3.38 -4.04
CA VAL B 25 18.70 2.08 -3.75
C VAL B 25 20.23 2.09 -3.92
N LEU B 26 20.69 2.76 -4.96
CA LEU B 26 22.12 2.83 -5.24
C LEU B 26 22.83 3.53 -4.12
N SER B 27 22.17 4.53 -3.54
CA SER B 27 22.74 5.32 -2.45
C SER B 27 23.03 4.46 -1.19
N ILE B 28 22.17 3.47 -0.98
CA ILE B 28 22.33 2.56 0.15
C ILE B 28 23.41 1.54 -0.12
N ILE B 29 23.44 1.02 -1.33
CA ILE B 29 24.46 0.07 -1.74
C ILE B 29 25.88 0.64 -1.75
N PHE B 30 26.11 1.74 -2.49
CA PHE B 30 27.43 2.38 -2.51
C PHE B 30 27.73 2.98 -1.15
N GLY B 31 26.68 3.35 -0.42
CA GLY B 31 26.85 3.89 0.91
C GLY B 31 27.40 2.81 1.83
N SER B 32 27.07 1.56 1.55
CA SER B 32 27.48 0.47 2.41
C SER B 32 28.89 0.01 2.03
N LEU B 33 29.12 -0.16 0.73
CA LEU B 33 30.42 -0.59 0.27
C LEU B 33 31.54 0.45 0.46
N ALA B 34 31.20 1.73 0.58
CA ALA B 34 32.24 2.78 0.68
C ALA B 34 32.85 2.82 2.05
N GLU B 35 33.98 3.51 2.17
CA GLU B 35 34.61 3.72 3.46
C GLU B 35 34.29 5.14 3.85
N GLY B 36 33.74 5.31 5.05
CA GLY B 36 33.33 6.60 5.51
C GLY B 36 31.83 6.65 5.70
N GLU B 37 31.35 7.79 6.17
CA GLU B 37 29.93 7.99 6.37
C GLU B 37 29.29 8.50 5.08
N THR B 38 28.04 8.11 4.83
CA THR B 38 27.28 8.59 3.69
C THR B 38 25.95 9.21 4.17
N LYS B 39 25.57 10.33 3.59
CA LYS B 39 24.29 10.95 3.95
C LYS B 39 23.36 11.08 2.75
N VAL B 40 22.16 10.51 2.87
CA VAL B 40 21.22 10.59 1.77
C VAL B 40 20.03 11.49 2.10
N TYR B 41 19.90 12.58 1.34
CA TYR B 41 18.80 13.52 1.49
C TYR B 41 17.77 13.31 0.37
N ASP B 42 16.50 13.55 0.67
CA ASP B 42 15.40 13.47 -0.30
C ASP B 42 15.22 12.08 -0.91
N ILE B 43 15.50 11.06 -0.12
CA ILE B 43 15.39 9.70 -0.60
C ILE B 43 13.92 9.32 -0.73
N LEU B 44 13.63 8.53 -1.76
CA LEU B 44 12.33 7.95 -1.96
C LEU B 44 12.17 6.87 -0.91
N ARG B 45 11.08 6.89 -0.18
CA ARG B 45 10.82 5.82 0.79
C ARG B 45 10.00 4.68 0.19
N GLY B 46 10.46 4.18 -0.95
CA GLY B 46 9.79 3.07 -1.61
C GLY B 46 10.08 1.76 -0.90
N GLU B 47 9.30 0.73 -1.23
CA GLU B 47 9.50 -0.58 -0.64
C GLU B 47 10.90 -1.09 -0.97
N ASP B 48 11.36 -0.73 -2.16
CA ASP B 48 12.68 -1.07 -2.66
C ASP B 48 13.80 -0.57 -1.75
N VAL B 49 13.74 0.73 -1.49
CA VAL B 49 14.71 1.40 -0.66
C VAL B 49 14.68 0.85 0.75
N LEU B 50 13.47 0.74 1.32
CA LEU B 50 13.29 0.21 2.68
C LEU B 50 13.86 -1.20 2.82
N SER B 51 13.51 -2.05 1.87
CA SER B 51 13.97 -3.41 1.81
C SER B 51 15.49 -3.47 1.69
N THR B 52 16.05 -2.57 0.89
CA THR B 52 17.50 -2.57 0.67
C THR B 52 18.26 -2.17 1.93
N GLN B 54 17.14 -2.65 4.93
CA GLN B 54 17.03 -3.80 5.80
C GLN B 54 18.05 -4.90 5.42
N VAL B 55 18.25 -5.11 4.13
CA VAL B 55 19.24 -6.10 3.69
C VAL B 55 20.64 -5.75 4.22
N PHE B 56 21.08 -4.52 4.00
CA PHE B 56 22.40 -4.13 4.46
C PHE B 56 22.54 -4.11 5.99
N ARG B 57 21.49 -3.73 6.70
CA ARG B 57 21.50 -3.95 8.14
C ARG B 57 21.67 -5.43 8.48
N ASP B 58 21.02 -6.33 7.73
CA ASP B 58 21.23 -7.76 7.99
C ASP B 58 22.67 -8.19 7.70
N LEU B 59 23.37 -7.42 6.86
CA LEU B 59 24.77 -7.68 6.57
C LEU B 59 25.72 -6.91 7.49
N GLY B 60 25.23 -6.39 8.60
CA GLY B 60 26.12 -5.78 9.58
C GLY B 60 26.34 -4.29 9.44
N VAL B 61 25.83 -3.71 8.35
CA VAL B 61 25.99 -2.28 8.12
C VAL B 61 25.12 -1.48 9.09
N GLU B 62 25.69 -0.43 9.69
CA GLU B 62 24.88 0.47 10.47
C GLU B 62 24.19 1.50 9.56
N ILE B 63 22.86 1.54 9.60
CA ILE B 63 22.13 2.51 8.80
C ILE B 63 21.09 3.25 9.64
N GLU B 64 21.28 4.54 9.84
CA GLU B 64 20.33 5.34 10.63
C GLU B 64 19.34 6.13 9.76
N ASP B 65 18.10 6.25 10.24
CA ASP B 65 17.00 6.84 9.46
C ASP B 65 16.22 7.83 10.33
N LYS B 66 16.78 9.02 10.56
CA LYS B 66 16.15 10.03 11.39
C LYS B 66 16.04 11.38 10.67
N ASP B 67 14.91 12.07 10.88
CA ASP B 67 14.70 13.40 10.32
C ASP B 67 14.80 13.43 8.80
N GLY B 68 14.21 12.42 8.15
CA GLY B 68 14.28 12.29 6.70
C GLY B 68 15.69 12.19 6.15
N VAL B 69 16.67 11.86 7.00
CA VAL B 69 18.03 11.70 6.53
C VAL B 69 18.52 10.27 6.74
N ILE B 70 19.10 9.67 5.72
CA ILE B 70 19.69 8.35 5.89
C ILE B 70 21.18 8.46 6.07
N THR B 71 21.69 7.88 7.14
CA THR B 71 23.10 7.93 7.40
C THR B 71 23.67 6.54 7.46
N VAL B 72 24.69 6.31 6.65
CA VAL B 72 25.24 4.99 6.49
C VAL B 72 26.71 5.01 6.83
N GLN B 73 27.11 4.18 7.78
CA GLN B 73 28.54 4.00 8.06
C GLN B 73 29.09 2.92 7.15
N GLY B 74 29.84 3.33 6.13
CA GLY B 74 30.30 2.38 5.15
C GLY B 74 31.17 1.32 5.79
N VAL B 75 31.12 0.09 5.29
CA VAL B 75 31.99 -0.97 5.79
C VAL B 75 33.10 -1.39 4.84
N GLY B 76 33.41 -0.57 3.84
CA GLY B 76 34.43 -0.88 2.86
C GLY B 76 34.05 -2.06 1.98
N ALA B 78 34.90 -4.99 1.51
CA ALA B 78 34.96 -6.37 1.97
C ALA B 78 34.38 -6.52 3.36
N GLY B 79 33.61 -5.52 3.78
CA GLY B 79 33.12 -5.44 5.14
C GLY B 79 31.74 -6.00 5.41
N LEU B 80 31.06 -6.47 4.37
CA LEU B 80 29.78 -7.16 4.59
C LEU B 80 30.00 -8.41 5.46
N LYS B 81 29.12 -8.63 6.43
CA LYS B 81 29.21 -9.81 7.31
C LYS B 81 28.06 -10.78 6.99
N ALA B 82 28.09 -11.99 7.55
CA ALA B 82 27.07 -12.99 7.24
C ALA B 82 25.76 -12.78 8.02
N PRO B 83 24.61 -12.81 7.33
CA PRO B 83 23.30 -12.61 7.97
C PRO B 83 22.82 -13.83 8.72
N GLN B 84 22.03 -13.61 9.77
CA GLN B 84 21.45 -14.70 10.55
C GLN B 84 20.49 -15.49 9.68
N ASN B 85 19.69 -14.77 8.91
CA ASN B 85 18.63 -15.39 8.14
C ASN B 85 18.71 -15.06 6.69
N ALA B 86 17.71 -15.52 5.96
CA ALA B 86 17.57 -15.21 4.55
C ALA B 86 17.42 -13.70 4.31
N LEU B 87 17.96 -13.23 3.20
CA LEU B 87 17.74 -11.86 2.82
C LEU B 87 16.37 -11.74 2.14
N ASN B 88 15.67 -10.65 2.40
CA ASN B 88 14.34 -10.46 1.87
C ASN B 88 14.31 -9.24 1.00
N GLY B 90 11.66 -8.36 -0.87
CA GLY B 90 10.28 -7.95 -1.06
C GLY B 90 9.76 -8.36 -2.41
N ASN B 91 9.17 -7.41 -3.12
CA ASN B 91 8.74 -7.66 -4.50
C ASN B 91 9.72 -7.18 -5.59
N SER B 92 10.98 -6.95 -5.22
CA SER B 92 11.96 -6.53 -6.23
C SER B 92 12.90 -7.61 -6.69
N GLY B 93 12.58 -8.22 -7.83
CA GLY B 93 13.48 -9.17 -8.47
C GLY B 93 14.78 -8.53 -8.93
N ALA B 94 14.69 -7.26 -9.32
CA ALA B 94 15.88 -6.50 -9.70
C ALA B 94 16.81 -6.39 -8.52
N SER B 95 16.24 -6.34 -7.33
CA SER B 95 17.05 -6.19 -6.14
C SER B 95 17.84 -7.47 -5.79
N ILE B 96 17.26 -8.64 -6.07
CA ILE B 96 17.99 -9.88 -5.89
C ILE B 96 19.18 -9.95 -6.87
N VAL B 97 18.96 -9.45 -8.08
CA VAL B 97 20.02 -9.43 -9.08
C VAL B 97 21.22 -8.65 -8.58
N ALA B 98 20.99 -7.38 -8.24
CA ALA B 98 22.03 -6.45 -7.83
C ALA B 98 22.83 -6.89 -6.60
N ILE B 99 22.14 -7.41 -5.58
CA ILE B 99 22.79 -7.80 -4.33
C ILE B 99 23.64 -9.08 -4.49
N SER B 100 23.28 -9.93 -5.44
CA SER B 100 24.09 -11.08 -5.81
C SER B 100 25.48 -10.63 -6.24
N GLY B 101 25.51 -9.60 -7.09
CA GLY B 101 26.74 -8.96 -7.50
C GLY B 101 27.44 -8.30 -6.33
N VAL B 102 26.68 -7.67 -5.44
CA VAL B 102 27.32 -7.04 -4.29
C VAL B 102 28.05 -8.12 -3.47
N LEU B 103 27.45 -9.31 -3.37
CA LEU B 103 27.92 -10.39 -2.50
C LEU B 103 28.95 -11.31 -3.17
N ALA B 104 29.29 -11.03 -4.43
CA ALA B 104 30.18 -11.91 -5.20
C ALA B 104 31.51 -12.21 -4.52
N GLY B 105 32.02 -11.25 -3.75
CA GLY B 105 33.27 -11.43 -3.05
C GLY B 105 33.10 -11.63 -1.57
N ALA B 106 31.96 -12.17 -1.18
CA ALA B 106 31.70 -12.37 0.24
C ALA B 106 31.88 -13.84 0.61
N ASP B 107 32.87 -14.12 1.46
CA ASP B 107 33.22 -15.48 1.86
C ASP B 107 32.28 -16.06 2.91
N PHE B 108 31.02 -16.24 2.54
CA PHE B 108 30.05 -16.92 3.39
C PHE B 108 28.83 -17.29 2.59
N GLU B 109 27.95 -18.07 3.21
CA GLU B 109 26.76 -18.58 2.56
C GLU B 109 25.60 -17.61 2.74
N VAL B 110 24.83 -17.35 1.69
CA VAL B 110 23.68 -16.46 1.76
C VAL B 110 22.44 -17.04 1.06
N GLU B 111 21.27 -16.86 1.66
CA GLU B 111 20.01 -17.14 0.97
C GLU B 111 19.22 -15.87 0.67
N PHE B 113 15.50 -14.40 -1.03
CA PHE B 113 14.17 -14.60 -1.57
C PHE B 113 13.36 -13.32 -1.55
N GLY B 114 12.08 -13.42 -1.89
CA GLY B 114 11.23 -12.23 -1.85
C GLY B 114 9.84 -12.59 -1.40
N ASP B 115 8.86 -11.79 -1.79
CA ASP B 115 7.48 -12.24 -1.56
C ASP B 115 7.16 -13.25 -2.64
N ASP B 116 5.97 -13.81 -2.60
CA ASP B 116 5.64 -14.93 -3.47
C ASP B 116 5.46 -14.50 -4.93
N SER B 117 5.35 -13.20 -5.20
CA SER B 117 5.36 -12.74 -6.60
C SER B 117 6.70 -12.98 -7.31
N LEU B 118 7.77 -13.18 -6.55
CA LEU B 118 9.09 -13.40 -7.15
C LEU B 118 9.34 -14.87 -7.47
N SER B 119 8.46 -15.74 -6.99
CA SER B 119 8.71 -17.17 -7.00
C SER B 119 8.84 -17.72 -8.39
N LYS B 120 8.26 -17.01 -9.36
CA LYS B 120 8.26 -17.47 -10.73
C LYS B 120 9.31 -16.78 -11.62
N ARG B 121 9.99 -15.76 -11.09
CA ARG B 121 10.96 -14.97 -11.84
C ARG B 121 12.35 -15.63 -11.94
N PRO B 122 12.72 -16.15 -13.12
CA PRO B 122 14.09 -16.67 -13.36
C PRO B 122 15.21 -15.70 -12.98
N ASP B 124 18.44 -16.80 -13.61
CA ASP B 124 19.53 -17.33 -14.41
C ASP B 124 20.36 -16.26 -15.14
N ARG B 125 19.75 -15.11 -15.44
CA ARG B 125 20.49 -14.07 -16.16
C ARG B 125 21.64 -13.48 -15.33
N VAL B 126 21.54 -13.58 -14.01
CA VAL B 126 22.66 -13.16 -13.18
C VAL B 126 23.55 -14.33 -12.71
N THR B 127 23.00 -15.54 -12.63
CA THR B 127 23.80 -16.64 -12.08
C THR B 127 24.88 -17.09 -13.05
N LEU B 128 24.55 -17.17 -14.33
CA LEU B 128 25.53 -17.54 -15.35
C LEU B 128 26.80 -16.68 -15.25
N PRO B 129 26.68 -15.34 -15.42
CA PRO B 129 27.92 -14.56 -15.36
C PRO B 129 28.59 -14.66 -14.02
N LEU B 130 27.82 -14.65 -12.94
CA LEU B 130 28.40 -14.71 -11.59
C LEU B 130 29.09 -16.05 -11.35
N LYS B 131 28.57 -17.12 -11.95
CA LYS B 131 29.28 -18.37 -11.85
C LYS B 131 30.61 -18.27 -12.61
N LYS B 132 30.61 -17.56 -13.74
CA LYS B 132 31.83 -17.44 -14.55
C LYS B 132 32.99 -16.81 -13.79
N GLY B 134 33.51 -17.33 -10.49
CA GLY B 134 33.83 -18.18 -9.36
C GLY B 134 32.83 -18.17 -8.22
N VAL B 135 31.73 -17.45 -8.37
CA VAL B 135 30.71 -17.40 -7.33
C VAL B 135 29.81 -18.63 -7.43
N SER B 136 29.55 -19.27 -6.28
CA SER B 136 28.58 -20.35 -6.22
C SER B 136 27.18 -19.78 -6.04
N ILE B 137 26.30 -20.00 -7.01
CA ILE B 137 24.95 -19.50 -6.89
C ILE B 137 23.98 -20.26 -7.77
N SER B 138 22.89 -20.72 -7.15
CA SER B 138 21.82 -21.42 -7.86
C SER B 138 20.45 -21.21 -7.22
N GLY B 139 19.40 -21.56 -7.95
CA GLY B 139 18.04 -21.39 -7.48
C GLY B 139 17.29 -22.69 -7.64
N GLN B 140 15.97 -22.60 -7.80
CA GLN B 140 15.15 -23.79 -8.04
C GLN B 140 14.93 -23.96 -9.55
N THR B 141 15.09 -25.18 -10.03
CA THR B 141 15.07 -25.49 -11.47
C THR B 141 16.29 -24.92 -12.18
N GLU B 142 16.41 -25.25 -13.46
CA GLU B 142 17.52 -24.79 -14.28
C GLU B 142 17.43 -23.28 -14.51
N ARG B 143 16.22 -22.75 -14.37
CA ARG B 143 15.99 -21.31 -14.50
C ARG B 143 16.34 -20.53 -13.23
N ASP B 144 16.83 -21.24 -12.21
CA ASP B 144 17.20 -20.62 -10.94
C ASP B 144 16.15 -19.67 -10.34
N LEU B 145 14.92 -20.16 -10.11
CA LEU B 145 13.91 -19.30 -9.52
C LEU B 145 14.31 -19.09 -8.06
N PRO B 146 13.84 -18.00 -7.43
CA PRO B 146 14.09 -17.80 -6.00
C PRO B 146 13.41 -18.91 -5.20
N PRO B 147 13.95 -19.28 -4.03
CA PRO B 147 15.10 -18.64 -3.39
C PRO B 147 16.44 -19.02 -4.00
N LEU B 148 17.44 -18.16 -3.79
CA LEU B 148 18.77 -18.34 -4.33
C LEU B 148 19.69 -18.62 -3.15
N ARG B 149 20.62 -19.56 -3.33
CA ARG B 149 21.68 -19.80 -2.36
C ARG B 149 22.98 -19.31 -2.97
N LEU B 150 23.76 -18.60 -2.18
CA LEU B 150 24.99 -18.01 -2.69
C LEU B 150 26.14 -18.18 -1.72
N LYS B 151 27.31 -18.48 -2.28
CA LYS B 151 28.54 -18.40 -1.52
C LYS B 151 29.56 -17.68 -2.41
N GLY B 152 30.06 -16.54 -1.92
CA GLY B 152 31.00 -15.73 -2.66
C GLY B 152 32.44 -16.19 -2.52
N THR B 153 33.34 -15.57 -3.29
CA THR B 153 34.71 -16.05 -3.37
C THR B 153 35.74 -14.97 -3.05
N LYS B 154 36.74 -15.34 -2.26
CA LYS B 154 37.83 -14.43 -1.93
C LYS B 154 38.68 -14.20 -3.16
N ASN B 155 38.66 -15.16 -4.07
CA ASN B 155 39.42 -15.06 -5.30
C ASN B 155 38.50 -14.86 -6.49
N LEU B 156 37.79 -13.74 -6.45
CA LEU B 156 36.88 -13.34 -7.51
C LEU B 156 37.67 -13.05 -8.78
N ARG B 157 37.30 -13.73 -9.86
CA ARG B 157 37.95 -13.53 -11.15
C ARG B 157 37.14 -12.57 -12.00
N PRO B 158 37.82 -11.61 -12.64
CA PRO B 158 37.14 -10.62 -13.48
C PRO B 158 36.24 -11.29 -14.50
N ILE B 159 35.19 -10.61 -14.93
CA ILE B 159 34.30 -11.20 -15.91
C ILE B 159 34.37 -10.51 -17.27
N HIS B 160 34.10 -11.29 -18.31
CA HIS B 160 34.11 -10.79 -19.68
C HIS B 160 32.85 -11.30 -20.34
N TYR B 161 31.95 -10.39 -20.67
CA TYR B 161 30.56 -10.77 -20.82
C TYR B 161 29.74 -9.74 -21.62
N GLU B 162 28.83 -10.24 -22.42
CA GLU B 162 27.88 -9.42 -23.14
C GLU B 162 26.51 -9.65 -22.52
N LEU B 163 25.96 -8.63 -21.87
CA LEU B 163 24.64 -8.74 -21.24
C LEU B 163 23.62 -9.07 -22.33
N PRO B 164 22.77 -10.07 -22.05
CA PRO B 164 21.66 -10.37 -22.97
C PRO B 164 20.67 -9.21 -23.10
N ILE B 165 19.69 -9.39 -23.95
CA ILE B 165 18.70 -8.34 -24.19
C ILE B 165 17.91 -7.97 -22.94
N ALA B 166 17.40 -8.97 -22.24
CA ALA B 166 16.58 -8.72 -21.06
C ALA B 166 17.35 -8.91 -19.76
N SER B 167 18.08 -7.88 -19.35
CA SER B 167 18.86 -7.93 -18.12
C SER B 167 18.48 -6.85 -17.12
N ASN B 168 17.69 -7.23 -16.13
CA ASN B 168 17.23 -6.34 -15.04
C ASN B 168 18.37 -5.79 -14.19
N SER B 169 19.13 -4.89 -14.80
CA SER B 169 20.49 -4.63 -14.39
C SER B 169 21.27 -5.79 -13.73
N VAL B 170 21.46 -6.82 -14.54
CA VAL B 170 22.61 -7.69 -14.42
C VAL B 170 23.86 -6.80 -14.58
N LYS B 171 23.74 -5.71 -15.34
CA LYS B 171 24.85 -4.78 -15.51
C LYS B 171 25.33 -4.20 -14.18
N SER B 172 24.40 -3.79 -13.34
CA SER B 172 24.78 -3.23 -12.05
C SER B 172 25.41 -4.33 -11.21
N ALA B 173 24.79 -5.51 -11.21
CA ALA B 173 25.35 -6.66 -10.50
C ALA B 173 26.83 -6.95 -10.84
N LEU B 174 27.14 -7.03 -12.13
CA LEU B 174 28.50 -7.30 -12.57
C LEU B 174 29.41 -6.11 -12.31
N PHE B 176 29.17 -4.23 -9.48
CA PHE B 176 29.53 -4.36 -8.07
C PHE B 176 30.56 -5.46 -7.86
N ALA B 177 30.35 -6.57 -8.52
CA ALA B 177 31.25 -7.69 -8.40
C ALA B 177 32.61 -7.34 -9.05
N ALA B 178 32.58 -6.76 -10.25
CA ALA B 178 33.82 -6.31 -10.92
C ALA B 178 34.68 -5.38 -10.09
N LEU B 179 34.04 -4.63 -9.20
CA LEU B 179 34.75 -3.77 -8.29
C LEU B 179 35.46 -4.56 -7.20
N GLN B 180 35.11 -5.83 -7.06
CA GLN B 180 35.72 -6.66 -6.03
C GLN B 180 36.75 -7.63 -6.59
N ALA B 181 36.68 -7.88 -7.88
CA ALA B 181 37.56 -8.85 -8.50
C ALA B 181 38.91 -8.21 -8.81
N LYS B 182 39.95 -9.04 -8.84
CA LYS B 182 41.29 -8.56 -9.14
C LYS B 182 41.54 -8.62 -10.64
N GLY B 183 41.56 -7.46 -11.30
CA GLY B 183 41.73 -7.40 -12.74
C GLY B 183 40.73 -6.53 -13.48
N GLU B 184 40.74 -6.65 -14.81
CA GLU B 184 39.85 -5.87 -15.67
C GLU B 184 38.64 -6.64 -16.17
N SER B 185 37.47 -6.31 -15.63
CA SER B 185 36.23 -6.83 -16.18
C SER B 185 35.75 -5.97 -17.34
N VAL B 186 35.11 -6.60 -18.31
CA VAL B 186 34.59 -5.88 -19.46
C VAL B 186 33.14 -6.30 -19.72
N ILE B 187 32.23 -5.34 -19.53
CA ILE B 187 30.81 -5.60 -19.64
C ILE B 187 30.29 -4.88 -20.85
N ILE B 188 29.57 -5.60 -21.70
CA ILE B 188 29.08 -5.05 -22.95
C ILE B 188 27.57 -5.16 -23.05
N GLU B 189 26.91 -4.01 -23.18
CA GLU B 189 25.44 -3.99 -23.26
C GLU B 189 24.98 -4.05 -24.71
N LYS B 190 23.94 -4.82 -24.97
CA LYS B 190 23.41 -4.96 -26.32
C LYS B 190 22.21 -4.04 -26.54
N GLU B 191 21.93 -3.19 -25.55
CA GLU B 191 20.75 -2.34 -25.61
C GLU B 191 20.87 -1.30 -24.52
N TYR B 192 20.17 -0.19 -24.68
CA TYR B 192 20.25 0.91 -23.72
C TYR B 192 19.67 0.55 -22.36
N THR B 193 20.53 0.60 -21.34
CA THR B 193 20.09 0.65 -19.95
C THR B 193 20.57 1.97 -19.36
N SER B 194 19.82 2.53 -18.42
CA SER B 194 20.14 3.82 -17.81
C SER B 194 21.57 3.84 -17.22
N ASN B 195 22.08 5.04 -16.89
CA ASN B 195 23.44 5.14 -16.38
C ASN B 195 23.59 5.47 -14.90
N HIS B 196 22.53 5.22 -14.12
CA HIS B 196 22.53 5.55 -12.71
C HIS B 196 23.67 4.91 -11.90
N THR B 197 23.91 3.61 -12.14
CA THR B 197 25.01 2.91 -11.48
C THR B 197 26.36 3.51 -11.85
N GLU B 198 26.54 3.78 -13.14
CA GLU B 198 27.74 4.49 -13.63
C GLU B 198 27.89 5.83 -12.93
N ASP B 199 26.84 6.65 -12.92
CA ASP B 199 26.93 7.98 -12.30
C ASP B 199 27.31 7.84 -10.83
N LEU B 201 28.66 5.41 -9.19
CA LEU B 201 29.99 4.89 -9.04
C LEU B 201 31.01 6.04 -9.09
N GLN B 202 30.87 6.92 -10.07
CA GLN B 202 31.81 8.02 -10.26
C GLN B 202 31.71 8.95 -9.06
N GLN B 203 30.51 9.42 -8.79
CA GLN B 203 30.23 10.29 -7.64
C GLN B 203 30.75 9.73 -6.29
N PHE B 204 30.90 8.42 -6.20
CA PHE B 204 31.44 7.79 -4.99
C PHE B 204 32.95 7.53 -5.02
N GLY B 205 33.65 8.04 -6.03
CA GLY B 205 35.08 7.93 -6.08
C GLY B 205 35.58 6.82 -6.97
N GLY B 206 34.66 6.18 -7.69
CA GLY B 206 35.04 5.03 -8.48
C GLY B 206 35.31 5.39 -9.92
N HIS B 207 35.88 4.46 -10.67
CA HIS B 207 36.17 4.74 -12.08
C HIS B 207 35.80 3.62 -13.01
N LEU B 208 35.23 3.98 -14.15
CA LEU B 208 34.96 3.03 -15.21
C LEU B 208 35.31 3.72 -16.50
N SER B 209 35.43 2.94 -17.57
CA SER B 209 35.66 3.48 -18.90
C SER B 209 34.47 3.05 -19.76
N VAL B 210 34.03 3.91 -20.66
CA VAL B 210 32.81 3.64 -21.44
C VAL B 210 33.03 3.83 -22.94
N ASP B 211 33.75 2.87 -23.54
CA ASP B 211 34.03 2.95 -24.96
C ASP B 211 32.80 2.53 -25.77
N GLY B 212 31.76 3.35 -25.70
CA GLY B 212 30.54 3.09 -26.44
C GLY B 212 29.60 2.23 -25.63
N LYS B 213 29.23 1.08 -26.18
CA LYS B 213 28.49 0.09 -25.42
C LYS B 213 29.42 -0.78 -24.56
N LYS B 214 30.73 -0.62 -24.75
CA LYS B 214 31.71 -1.36 -23.94
C LYS B 214 32.00 -0.62 -22.65
N ILE B 215 31.71 -1.27 -21.52
CA ILE B 215 32.00 -0.73 -20.22
C ILE B 215 33.13 -1.51 -19.59
N THR B 216 34.16 -0.80 -19.12
CA THR B 216 35.33 -1.45 -18.55
C THR B 216 35.48 -1.04 -17.09
N VAL B 217 35.74 -1.99 -16.20
CA VAL B 217 35.90 -1.68 -14.78
C VAL B 217 37.07 -2.44 -14.16
N GLN B 218 38.12 -1.72 -13.80
CA GLN B 218 39.27 -2.32 -13.17
C GLN B 218 38.90 -2.63 -11.74
N GLY B 219 39.53 -3.64 -11.15
CA GLY B 219 39.29 -3.98 -9.76
C GLY B 219 40.55 -4.47 -9.07
N PRO B 220 40.60 -4.34 -7.74
CA PRO B 220 39.48 -3.87 -6.93
C PRO B 220 39.54 -2.38 -6.62
N GLN B 221 38.38 -1.72 -6.52
CA GLN B 221 38.38 -0.31 -6.16
C GLN B 221 38.02 -0.09 -4.71
N LYS B 222 38.32 1.10 -4.22
CA LYS B 222 37.86 1.55 -2.92
C LYS B 222 36.98 2.77 -3.18
N LEU B 223 35.89 2.89 -2.44
CA LEU B 223 34.95 3.97 -2.65
C LEU B 223 34.97 4.82 -1.41
N THR B 224 34.51 6.06 -1.51
CA THR B 224 34.45 6.93 -0.34
C THR B 224 33.06 7.54 -0.16
N GLY B 225 32.54 7.42 1.06
CA GLY B 225 31.25 7.97 1.41
C GLY B 225 30.98 9.38 0.93
N GLN B 226 29.70 9.68 0.73
CA GLN B 226 29.31 10.93 0.12
C GLN B 226 28.08 11.55 0.75
N LYS B 227 27.94 12.84 0.52
CA LYS B 227 26.65 13.49 0.67
C LYS B 227 25.92 13.14 -0.63
N VAL B 228 24.73 12.56 -0.50
CA VAL B 228 23.88 12.32 -1.67
C VAL B 228 22.53 13.01 -1.53
N VAL B 229 22.27 13.91 -2.47
CA VAL B 229 20.97 14.56 -2.60
C VAL B 229 20.27 13.91 -3.79
N VAL B 230 19.42 12.93 -3.50
CA VAL B 230 18.73 12.15 -4.52
C VAL B 230 17.80 12.99 -5.38
N PRO B 231 18.06 13.01 -6.70
CA PRO B 231 17.26 13.77 -7.65
C PRO B 231 15.88 13.16 -7.91
N GLY B 232 14.91 14.02 -8.21
CA GLY B 232 13.54 13.61 -8.40
C GLY B 232 13.31 12.73 -9.61
N ASP B 233 12.31 11.86 -9.51
CA ASP B 233 11.95 10.96 -10.59
C ASP B 233 11.61 11.73 -11.86
N ILE B 234 12.14 11.23 -12.97
CA ILE B 234 12.06 11.93 -14.23
C ILE B 234 10.69 11.70 -14.90
N SER B 235 10.13 10.50 -14.70
CA SER B 235 8.83 10.18 -15.26
C SER B 235 7.77 11.05 -14.59
N SER B 236 7.87 11.13 -13.27
CA SER B 236 6.98 11.98 -12.49
C SER B 236 7.10 13.41 -12.93
N ALA B 237 8.34 13.91 -12.96
CA ALA B 237 8.63 15.28 -13.37
C ALA B 237 8.03 15.65 -14.73
N ALA B 238 8.03 14.69 -15.65
CA ALA B 238 7.55 14.90 -17.02
C ALA B 238 6.08 15.31 -17.08
N PHE B 239 5.27 14.75 -16.19
CA PHE B 239 3.85 15.09 -16.12
C PHE B 239 3.63 16.57 -15.84
N TRP B 240 4.36 17.11 -14.87
CA TRP B 240 4.26 18.53 -14.56
C TRP B 240 4.93 19.40 -15.62
N LEU B 241 6.03 18.94 -16.20
CA LEU B 241 6.70 19.68 -17.28
C LEU B 241 5.67 19.93 -18.38
N VAL B 242 5.13 18.83 -18.90
CA VAL B 242 4.13 18.88 -19.95
C VAL B 242 2.88 19.61 -19.50
N ALA B 243 2.56 19.51 -18.22
CA ALA B 243 1.34 20.12 -17.71
C ALA B 243 1.45 21.63 -17.77
N GLY B 244 2.51 22.18 -17.21
CA GLY B 244 2.76 23.62 -17.33
C GLY B 244 2.84 24.18 -18.75
N LEU B 245 3.03 23.30 -19.73
CA LEU B 245 3.16 23.74 -21.12
C LEU B 245 1.80 23.79 -21.85
N ILE B 246 0.91 22.87 -21.49
CA ILE B 246 -0.36 22.70 -22.22
C ILE B 246 -1.60 23.26 -21.50
N ALA B 247 -1.52 23.42 -20.18
CA ALA B 247 -2.55 24.12 -19.41
C ALA B 247 -2.36 25.63 -19.56
N PRO B 248 -3.47 26.38 -19.52
CA PRO B 248 -3.35 27.82 -19.80
C PRO B 248 -2.96 28.65 -18.58
N ASN B 249 -2.28 29.77 -18.81
CA ASN B 249 -1.91 30.70 -17.74
C ASN B 249 -1.08 30.07 -16.62
N SER B 250 -0.26 29.08 -16.97
CA SER B 250 0.47 28.30 -15.99
C SER B 250 1.99 28.59 -15.95
N ARG B 251 2.61 28.31 -14.79
CA ARG B 251 4.04 28.48 -14.60
C ARG B 251 4.57 27.64 -13.44
N LEU B 252 5.11 26.48 -13.77
CA LEU B 252 5.57 25.53 -12.78
C LEU B 252 7.06 25.60 -12.58
N VAL B 253 7.47 25.48 -11.33
CA VAL B 253 8.87 25.33 -11.00
C VAL B 253 9.10 23.92 -10.49
N LEU B 254 9.87 23.13 -11.22
CA LEU B 254 10.14 21.77 -10.78
C LEU B 254 11.56 21.71 -10.21
N GLN B 255 11.67 21.84 -8.90
CA GLN B 255 12.99 21.79 -8.27
C GLN B 255 13.55 20.37 -8.22
N ASN B 256 14.87 20.29 -8.20
CA ASN B 256 15.61 19.06 -8.00
C ASN B 256 15.19 17.87 -8.85
N VAL B 257 15.10 18.06 -10.16
CA VAL B 257 14.81 16.91 -11.00
C VAL B 257 16.03 16.41 -11.79
N GLY B 258 16.23 15.09 -11.77
CA GLY B 258 17.30 14.43 -12.49
C GLY B 258 17.32 14.79 -13.96
N ILE B 259 18.54 14.91 -14.51
CA ILE B 259 18.70 15.20 -15.92
C ILE B 259 19.45 14.06 -16.60
N GLU B 260 18.74 13.00 -16.98
CA GLU B 260 19.38 11.96 -17.79
C GLU B 260 18.82 11.95 -19.24
N GLU B 261 19.25 10.98 -20.05
CA GLU B 261 19.01 10.99 -21.51
C GLU B 261 17.53 11.07 -21.93
N THR B 262 16.68 10.33 -21.23
CA THR B 262 15.25 10.27 -21.54
C THR B 262 14.59 11.65 -21.41
N LEU B 263 14.94 12.38 -20.34
CA LEU B 263 14.39 13.71 -20.10
C LEU B 263 15.06 14.80 -20.99
N THR B 264 16.34 14.63 -21.24
CA THR B 264 17.06 15.52 -22.14
C THR B 264 16.49 15.38 -23.56
N GLY B 265 16.12 14.15 -23.91
CA GLY B 265 15.47 13.89 -25.17
C GLY B 265 14.12 14.56 -25.25
N ILE B 266 13.37 14.48 -24.15
CA ILE B 266 12.05 15.10 -24.06
C ILE B 266 12.15 16.62 -24.03
N ILE B 267 13.13 17.16 -23.32
CA ILE B 267 13.37 18.60 -23.33
C ILE B 267 13.66 19.11 -24.74
N ASP B 268 14.48 18.38 -25.49
CA ASP B 268 14.82 18.76 -26.85
C ASP B 268 13.62 18.62 -27.79
N VAL B 269 12.70 17.72 -27.48
CA VAL B 269 11.41 17.68 -28.16
C VAL B 269 10.56 18.90 -27.84
N ILE B 270 10.35 19.17 -26.55
CA ILE B 270 9.64 20.37 -26.09
C ILE B 270 10.16 21.64 -26.76
N ARG B 271 11.49 21.78 -26.83
CA ARG B 271 12.10 22.94 -27.49
C ARG B 271 11.73 23.04 -28.97
N ALA B 272 11.82 21.92 -29.68
CA ALA B 272 11.51 21.87 -31.11
C ALA B 272 10.08 22.29 -31.39
N GLY B 274 8.49 24.41 -29.75
CA GLY B 274 8.35 25.81 -29.36
C GLY B 274 7.87 26.06 -27.95
N GLY B 275 8.07 25.11 -27.04
CA GLY B 275 7.66 25.29 -25.66
C GLY B 275 8.62 26.16 -24.85
N LYS B 276 8.09 26.86 -23.86
CA LYS B 276 8.93 27.67 -22.97
C LYS B 276 9.41 26.86 -21.76
N LEU B 277 10.70 26.53 -21.74
CA LEU B 277 11.28 25.78 -20.63
C LEU B 277 12.64 26.33 -20.30
N GLU B 278 12.89 26.62 -19.04
CA GLU B 278 14.19 27.12 -18.64
C GLU B 278 14.90 26.17 -17.70
N ILE B 279 16.20 25.98 -17.88
CA ILE B 279 16.96 25.14 -16.98
C ILE B 279 17.83 26.02 -16.08
N THR B 280 17.70 25.87 -14.77
CA THR B 280 18.48 26.71 -13.84
C THR B 280 19.06 25.85 -12.72
N GLU B 281 19.97 26.45 -11.96
CA GLU B 281 20.47 25.84 -10.72
C GLU B 281 20.91 24.39 -10.88
N ILE B 282 21.74 24.11 -11.87
CA ILE B 282 22.24 22.76 -12.08
C ILE B 282 23.20 22.33 -10.98
N ASP B 283 23.07 21.08 -10.56
CA ASP B 283 24.02 20.41 -9.68
C ASP B 283 24.76 19.45 -10.58
N PRO B 284 26.00 19.79 -10.95
CA PRO B 284 26.85 19.03 -11.88
C PRO B 284 27.18 17.63 -11.41
N VAL B 285 27.26 17.44 -10.09
CA VAL B 285 27.66 16.14 -9.55
C VAL B 285 26.47 15.18 -9.41
N ALA B 286 25.32 15.73 -9.04
CA ALA B 286 24.10 14.93 -8.92
C ALA B 286 23.48 14.70 -10.28
N LYS B 287 23.78 15.61 -11.22
CA LYS B 287 23.12 15.65 -12.52
C LYS B 287 21.62 15.86 -12.33
N SER B 288 21.32 16.98 -11.68
CA SER B 288 19.95 17.37 -11.39
C SER B 288 19.85 18.87 -11.62
N ALA B 289 18.65 19.37 -11.86
CA ALA B 289 18.47 20.82 -11.98
C ALA B 289 17.05 21.21 -11.71
N THR B 290 16.80 22.50 -11.75
CA THR B 290 15.44 23.02 -11.72
C THR B 290 14.95 23.34 -13.13
N LEU B 291 13.74 22.90 -13.43
CA LEU B 291 13.13 23.14 -14.71
C LEU B 291 11.93 24.04 -14.50
N ILE B 292 11.71 24.97 -15.44
CA ILE B 292 10.63 25.94 -15.32
C ILE B 292 9.86 25.98 -16.64
N VAL B 293 8.55 25.78 -16.56
CA VAL B 293 7.72 25.78 -17.76
C VAL B 293 6.58 26.79 -17.64
N GLU B 294 6.24 27.41 -18.77
CA GLU B 294 5.12 28.34 -18.87
C GLU B 294 4.27 27.91 -20.08
N SER B 295 3.00 28.33 -20.11
CA SER B 295 2.07 27.90 -21.16
C SER B 295 2.57 28.26 -22.56
N SER B 296 2.38 27.35 -23.52
CA SER B 296 3.02 27.48 -24.82
C SER B 296 2.19 27.01 -26.03
N ASP B 297 2.36 27.66 -27.17
CA ASP B 297 1.78 27.17 -28.41
C ASP B 297 2.76 26.28 -29.14
N LEU B 298 2.33 25.05 -29.41
CA LEU B 298 3.22 24.00 -29.83
C LEU B 298 3.04 23.56 -31.27
N LYS B 299 4.15 23.25 -31.94
CA LYS B 299 4.13 22.80 -33.32
C LYS B 299 4.50 21.32 -33.35
N GLY B 300 3.87 20.57 -34.24
CA GLY B 300 4.15 19.15 -34.34
C GLY B 300 5.59 18.92 -34.75
N THR B 301 6.15 17.78 -34.36
CA THR B 301 7.52 17.50 -34.73
C THR B 301 7.78 16.01 -34.88
N GLU B 302 8.93 15.67 -35.45
CA GLU B 302 9.35 14.28 -35.58
C GLU B 302 10.11 13.86 -34.32
N ILE B 303 9.63 12.79 -33.69
CA ILE B 303 10.17 12.36 -32.41
C ILE B 303 10.85 11.01 -32.57
N CYS B 304 12.11 10.91 -32.14
CA CYS B 304 12.93 9.74 -32.40
C CYS B 304 13.25 8.93 -31.15
N GLY B 305 13.02 7.63 -31.21
CA GLY B 305 13.31 6.73 -30.11
C GLY B 305 14.81 6.66 -29.83
N ALA B 306 15.61 6.85 -30.87
CA ALA B 306 17.06 6.88 -30.69
C ALA B 306 17.45 8.00 -29.74
N LEU B 307 16.67 9.08 -29.75
CA LEU B 307 16.95 10.25 -28.95
C LEU B 307 16.22 10.24 -27.61
N ILE B 308 15.11 9.53 -27.54
CA ILE B 308 14.41 9.39 -26.25
C ILE B 308 14.42 7.93 -25.81
N PRO B 309 15.50 7.51 -25.13
CA PRO B 309 15.57 6.14 -24.65
C PRO B 309 14.39 5.86 -23.74
N ARG B 310 13.88 4.63 -23.78
CA ARG B 310 12.67 4.28 -23.05
C ARG B 310 11.49 5.20 -23.38
N LEU B 311 11.44 5.63 -24.63
CA LEU B 311 10.29 6.37 -25.16
C LEU B 311 8.99 5.62 -24.93
N ILE B 312 8.97 4.33 -25.25
CA ILE B 312 7.76 3.51 -25.12
C ILE B 312 7.21 3.52 -23.68
N ASP B 313 8.10 3.60 -22.70
CA ASP B 313 7.69 3.73 -21.31
C ASP B 313 6.99 5.06 -21.05
N GLU B 314 7.64 6.16 -21.45
CA GLU B 314 7.11 7.49 -21.19
C GLU B 314 6.11 7.96 -22.25
N LEU B 315 5.73 7.04 -23.13
CA LEU B 315 4.75 7.29 -24.18
C LEU B 315 3.45 8.01 -23.78
N PRO B 316 2.88 7.67 -22.61
CA PRO B 316 1.62 8.35 -22.25
C PRO B 316 1.71 9.87 -22.23
N ILE B 317 2.64 10.43 -21.48
CA ILE B 317 2.70 11.89 -21.34
C ILE B 317 3.16 12.55 -22.64
N ILE B 318 4.08 11.89 -23.34
CA ILE B 318 4.69 12.40 -24.56
C ILE B 318 3.63 12.45 -25.65
N ALA B 319 2.68 11.52 -25.57
CA ALA B 319 1.56 11.48 -26.50
C ALA B 319 0.58 12.63 -26.22
N LEU B 320 0.28 12.87 -24.95
CA LEU B 320 -0.64 13.94 -24.60
C LEU B 320 -0.07 15.26 -25.06
N LEU B 321 1.24 15.41 -24.89
CA LEU B 321 1.95 16.58 -25.37
C LEU B 321 1.72 16.81 -26.86
N ALA B 322 1.84 15.74 -27.65
CA ALA B 322 1.80 15.82 -29.11
C ALA B 322 0.43 16.21 -29.64
N THR B 323 -0.63 15.85 -28.89
CA THR B 323 -2.00 16.16 -29.30
C THR B 323 -2.31 17.63 -29.14
N GLN B 324 -1.41 18.36 -28.50
CA GLN B 324 -1.60 19.78 -28.25
C GLN B 324 -0.81 20.62 -29.23
N ALA B 325 -0.09 19.92 -30.11
CA ALA B 325 0.78 20.57 -31.08
C ALA B 325 0.18 20.56 -32.49
N GLN B 326 -0.01 21.76 -33.04
CA GLN B 326 -0.59 21.94 -34.39
C GLN B 326 0.18 21.15 -35.43
N GLY B 327 -0.54 20.34 -36.20
CA GLY B 327 0.09 19.57 -37.25
C GLY B 327 0.44 18.15 -36.86
N VAL B 328 1.30 17.53 -37.66
CA VAL B 328 1.65 16.13 -37.50
C VAL B 328 2.88 15.94 -36.62
N THR B 329 2.76 15.04 -35.64
CA THR B 329 3.90 14.52 -34.90
C THR B 329 4.10 13.05 -35.26
N VAL B 330 5.21 12.75 -35.93
CA VAL B 330 5.57 11.36 -36.24
C VAL B 330 6.50 10.79 -35.18
N ILE B 331 6.10 9.69 -34.58
CA ILE B 331 6.94 9.06 -33.58
C ILE B 331 7.50 7.77 -34.15
N LYS B 332 8.82 7.70 -34.27
CA LYS B 332 9.47 6.53 -34.82
C LYS B 332 10.34 5.82 -33.77
N ASP B 333 10.23 4.50 -33.72
CA ASP B 333 11.06 3.76 -32.79
C ASP B 333 11.78 2.59 -33.43
N ALA B 334 12.70 2.90 -34.36
CA ALA B 334 13.59 1.89 -34.94
C ALA B 334 14.48 1.40 -33.80
N GLU B 335 14.83 0.11 -33.79
CA GLU B 335 14.47 -0.84 -34.84
C GLU B 335 13.83 -2.10 -34.25
N GLU B 336 12.72 -1.92 -33.54
CA GLU B 336 12.03 -3.07 -32.93
C GLU B 336 10.52 -2.95 -33.07
N GLU B 341 6.41 -3.52 -28.15
CA GLU B 341 5.76 -4.39 -27.18
C GLU B 341 4.66 -5.35 -27.69
N THR B 342 3.71 -4.91 -28.52
CA THR B 342 3.56 -3.52 -28.99
C THR B 342 2.14 -3.01 -28.75
N ASP B 343 1.48 -3.58 -27.74
CA ASP B 343 0.12 -3.21 -27.38
C ASP B 343 0.13 -1.89 -26.62
N ARG B 344 1.31 -1.51 -26.12
CA ARG B 344 1.46 -0.30 -25.31
C ARG B 344 0.92 0.92 -26.05
N ILE B 345 1.33 1.08 -27.30
CA ILE B 345 0.91 2.22 -28.09
C ILE B 345 -0.61 2.24 -28.29
N GLN B 346 -1.15 1.12 -28.77
CA GLN B 346 -2.56 0.98 -29.07
C GLN B 346 -3.47 1.35 -27.89
N VAL B 347 -2.99 1.09 -26.68
CA VAL B 347 -3.78 1.40 -25.48
C VAL B 347 -3.76 2.89 -25.19
N VAL B 348 -2.56 3.47 -25.34
CA VAL B 348 -2.37 4.91 -25.25
C VAL B 348 -3.22 5.63 -26.30
N ALA B 349 -3.10 5.18 -27.55
CA ALA B 349 -3.89 5.75 -28.64
C ALA B 349 -5.38 5.72 -28.33
N ASP B 350 -5.87 4.59 -27.82
CA ASP B 350 -7.29 4.46 -27.52
C ASP B 350 -7.73 5.34 -26.37
N ALA B 351 -6.92 5.43 -25.32
CA ALA B 351 -7.22 6.32 -24.19
C ALA B 351 -7.42 7.77 -24.63
N LEU B 352 -6.49 8.28 -25.45
CA LEU B 352 -6.52 9.66 -25.92
C LEU B 352 -7.51 9.89 -27.06
N ASN B 353 -7.66 8.92 -27.96
CA ASN B 353 -8.68 9.04 -28.99
C ASN B 353 -10.07 9.00 -28.37
N SER B 354 -10.24 8.23 -27.29
CA SER B 354 -11.52 8.23 -26.56
C SER B 354 -11.79 9.56 -25.86
N GLY B 356 -10.96 12.47 -27.77
CA GLY B 356 -11.12 13.37 -28.88
C GLY B 356 -9.83 13.72 -29.61
N ALA B 357 -8.76 12.97 -29.33
CA ALA B 357 -7.50 13.19 -30.03
C ALA B 357 -7.51 12.54 -31.41
N ASP B 358 -6.36 12.59 -32.07
CA ASP B 358 -6.22 11.99 -33.40
C ASP B 358 -4.88 11.26 -33.44
N ILE B 359 -4.90 10.01 -32.98
CA ILE B 359 -3.68 9.22 -32.89
C ILE B 359 -3.81 7.92 -33.64
N THR B 360 -2.95 7.72 -34.63
CA THR B 360 -2.96 6.52 -35.45
C THR B 360 -1.66 5.74 -35.28
N PRO B 361 -1.71 4.61 -34.58
CA PRO B 361 -0.51 3.78 -34.38
C PRO B 361 0.12 3.36 -35.70
N THR B 362 1.44 3.24 -35.72
CA THR B 362 2.13 2.82 -36.93
C THR B 362 3.02 1.62 -36.62
N ALA B 363 3.67 1.09 -37.65
CA ALA B 363 4.50 -0.11 -37.51
C ALA B 363 5.77 0.12 -36.69
N ASP B 364 6.27 1.36 -36.66
CA ASP B 364 7.46 1.69 -35.85
C ASP B 364 7.13 2.68 -34.72
N GLY B 365 5.87 3.08 -34.62
CA GLY B 365 5.45 4.02 -33.60
C GLY B 365 4.04 4.46 -33.81
N ILE B 367 1.42 8.16 -35.10
CA ILE B 367 1.30 9.47 -35.76
C ILE B 367 0.10 10.28 -35.21
N ILE B 368 0.39 11.29 -34.40
CA ILE B 368 -0.60 12.15 -33.79
C ILE B 368 -0.80 13.38 -34.68
N LYS B 369 -2.04 13.87 -34.77
CA LYS B 369 -2.37 14.99 -35.67
C LYS B 369 -2.77 16.28 -34.93
N GLY B 370 -2.51 17.43 -35.58
CA GLY B 370 -3.04 18.75 -35.20
C GLY B 370 -3.11 19.13 -33.73
N LYS B 371 -3.85 20.20 -33.43
CA LYS B 371 -4.17 20.51 -32.03
C LYS B 371 -5.56 20.02 -31.62
N SER B 372 -5.59 18.99 -30.77
CA SER B 372 -6.82 18.34 -30.33
C SER B 372 -7.57 19.05 -29.22
N ALA B 373 -8.84 19.36 -29.48
CA ALA B 373 -9.78 19.80 -28.45
C ALA B 373 -10.32 18.56 -27.72
N LEU B 374 -9.96 18.41 -26.45
CA LEU B 374 -10.29 17.20 -25.72
C LEU B 374 -11.66 17.24 -25.06
N HIS B 375 -12.35 16.11 -25.06
CA HIS B 375 -13.66 16.01 -24.42
C HIS B 375 -13.76 14.84 -23.45
N GLY B 376 -14.91 14.74 -22.80
CA GLY B 376 -15.12 13.75 -21.77
C GLY B 376 -14.94 12.29 -22.16
N ALA B 377 -14.63 11.47 -21.19
CA ALA B 377 -14.51 10.03 -21.43
C ALA B 377 -14.50 9.27 -20.11
N ARG B 378 -14.67 7.95 -20.23
CA ARG B 378 -14.36 7.03 -19.16
C ARG B 378 -13.13 6.29 -19.66
N VAL B 379 -12.08 6.26 -18.84
CA VAL B 379 -10.88 5.53 -19.19
C VAL B 379 -10.54 4.61 -18.03
N ASN B 380 -10.10 3.40 -18.35
CA ASN B 380 -9.58 2.48 -17.36
C ASN B 380 -8.06 2.46 -17.44
N THR B 381 -7.40 2.51 -16.29
CA THR B 381 -5.93 2.48 -16.25
C THR B 381 -5.40 1.10 -16.57
N PHE B 382 -6.27 0.09 -16.41
CA PHE B 382 -5.87 -1.32 -16.50
C PHE B 382 -4.66 -1.63 -15.63
N GLY B 383 -4.44 -0.83 -14.58
CA GLY B 383 -3.30 -1.02 -13.70
C GLY B 383 -2.18 0.01 -13.82
N ASP B 384 -2.10 0.66 -14.98
CA ASP B 384 -1.01 1.58 -15.35
C ASP B 384 -1.14 3.00 -14.74
N HIS B 385 -0.25 3.33 -13.80
CA HIS B 385 -0.26 4.66 -13.16
C HIS B 385 0.00 5.79 -14.15
N ARG B 386 0.81 5.49 -15.17
CA ARG B 386 1.13 6.47 -16.19
C ARG B 386 -0.13 6.83 -16.97
N ILE B 387 -0.94 5.82 -17.26
CA ILE B 387 -2.17 6.07 -18.00
C ILE B 387 -3.08 6.94 -17.16
N GLY B 388 -3.13 6.66 -15.87
CA GLY B 388 -3.96 7.44 -14.96
C GLY B 388 -3.52 8.88 -14.85
N THR B 391 -4.11 10.70 -18.06
CA THR B 391 -5.52 11.02 -18.11
C THR B 391 -5.87 12.24 -17.26
N ALA B 392 -5.36 12.32 -16.03
CA ALA B 392 -5.70 13.42 -15.14
C ALA B 392 -5.16 14.75 -15.65
N ILE B 393 -3.98 14.74 -16.25
CA ILE B 393 -3.42 15.97 -16.80
C ILE B 393 -4.22 16.38 -18.03
N ALA B 394 -4.60 15.40 -18.85
CA ALA B 394 -5.38 15.66 -20.05
C ALA B 394 -6.76 16.18 -19.69
N ALA B 395 -7.29 15.67 -18.58
CA ALA B 395 -8.59 16.05 -18.07
C ALA B 395 -8.62 17.52 -17.70
N LEU B 396 -7.48 18.05 -17.28
CA LEU B 396 -7.36 19.46 -16.92
C LEU B 396 -7.73 20.38 -18.08
N LEU B 397 -7.63 19.86 -19.31
CA LEU B 397 -7.80 20.65 -20.53
C LEU B 397 -9.19 20.56 -21.15
N VAL B 398 -10.01 19.66 -20.62
CA VAL B 398 -11.36 19.43 -21.14
C VAL B 398 -12.28 20.62 -20.83
N ALA B 399 -12.77 21.26 -21.89
CA ALA B 399 -13.60 22.45 -21.76
C ALA B 399 -14.97 22.16 -21.13
N ASP B 400 -15.52 20.97 -21.40
CA ASP B 400 -16.68 20.45 -20.69
C ASP B 400 -16.95 18.97 -21.03
N GLY B 401 -17.48 18.26 -20.06
CA GLY B 401 -17.72 16.82 -20.20
C GLY B 401 -17.06 16.10 -19.05
N GLU B 402 -17.75 15.11 -18.48
CA GLU B 402 -17.19 14.36 -17.37
C GLU B 402 -15.94 13.64 -17.83
N VAL B 403 -14.98 13.46 -16.94
CA VAL B 403 -13.85 12.57 -17.22
C VAL B 403 -13.74 11.56 -16.08
N GLU B 404 -13.86 10.27 -16.42
CA GLU B 404 -13.82 9.21 -15.42
C GLU B 404 -12.61 8.30 -15.55
N LEU B 405 -12.02 7.95 -14.41
CA LEU B 405 -10.85 7.11 -14.39
C LEU B 405 -11.07 5.87 -13.54
N ASP B 406 -11.30 4.73 -14.19
CA ASP B 406 -11.39 3.46 -13.47
C ASP B 406 -10.03 3.02 -12.94
N ARG B 407 -10.04 2.40 -11.77
CA ARG B 407 -8.81 1.89 -11.15
C ARG B 407 -7.79 3.01 -11.00
N ALA B 408 -8.26 4.16 -10.54
CA ALA B 408 -7.40 5.33 -10.32
C ALA B 408 -6.36 5.10 -9.22
N GLU B 409 -6.55 4.04 -8.45
CA GLU B 409 -5.65 3.76 -7.34
C GLU B 409 -4.25 3.41 -7.83
N ALA B 410 -4.14 3.09 -9.11
CA ALA B 410 -2.84 2.77 -9.73
C ALA B 410 -1.87 3.94 -9.57
N ILE B 411 -2.40 5.16 -9.67
CA ILE B 411 -1.65 6.38 -9.41
C ILE B 411 -1.20 6.46 -7.95
N ASN B 412 -2.16 6.50 -7.03
CA ASN B 412 -1.88 6.68 -5.61
C ASN B 412 -0.88 5.71 -4.95
N THR B 413 -0.77 4.49 -5.48
CA THR B 413 0.22 3.54 -4.98
C THR B 413 1.66 3.90 -5.38
N SER B 414 1.84 4.40 -6.59
CA SER B 414 3.15 4.79 -7.10
C SER B 414 3.58 6.19 -6.63
N TYR B 415 2.76 7.19 -6.94
CA TYR B 415 3.02 8.58 -6.57
C TYR B 415 1.95 8.98 -5.56
N PRO B 416 2.19 8.67 -4.29
CA PRO B 416 1.19 8.81 -3.23
C PRO B 416 0.54 10.20 -3.21
N SER B 417 1.29 11.25 -3.49
CA SER B 417 0.76 12.58 -3.29
C SER B 417 0.59 13.37 -4.58
N PHE B 418 0.39 12.65 -5.69
CA PHE B 418 0.14 13.25 -7.00
C PHE B 418 -1.04 14.23 -6.93
N PHE B 419 -2.19 13.77 -6.45
CA PHE B 419 -3.38 14.61 -6.40
C PHE B 419 -3.26 15.77 -5.40
N ASP B 420 -2.45 15.59 -4.36
CA ASP B 420 -2.21 16.69 -3.42
C ASP B 420 -1.28 17.74 -4.04
N ASP B 421 -0.37 17.27 -4.90
CA ASP B 421 0.52 18.15 -5.63
C ASP B 421 -0.28 18.94 -6.66
N LEU B 422 -1.19 18.24 -7.33
CA LEU B 422 -2.04 18.84 -8.35
C LEU B 422 -2.88 19.96 -7.73
N GLU B 423 -3.50 19.68 -6.60
CA GLU B 423 -4.29 20.68 -5.90
C GLU B 423 -3.44 21.85 -5.40
N SER B 424 -2.13 21.64 -5.29
CA SER B 424 -1.25 22.71 -4.84
C SER B 424 -1.05 23.74 -5.95
N LEU B 425 -1.12 23.26 -7.19
CA LEU B 425 -0.85 24.08 -8.35
C LEU B 425 -2.07 24.91 -8.70
N ILE B 426 -3.19 24.22 -8.91
CA ILE B 426 -4.49 24.86 -8.98
C ILE B 426 -4.67 25.62 -7.68
N HIS B 427 -5.11 26.88 -7.77
CA HIS B 427 -5.21 27.75 -6.60
C HIS B 427 -3.84 27.94 -5.93
N GLY B 428 -2.82 28.20 -6.74
CA GLY B 428 -1.52 28.60 -6.21
C GLY B 428 -1.28 29.99 -6.74
N LEU B 429 -0.79 30.90 -5.89
CA LEU B 429 -0.63 32.29 -6.32
C LEU B 429 0.82 32.74 -6.53
N GLU B 430 1.06 33.45 -7.64
CA GLU B 430 2.38 33.94 -7.99
C GLU B 430 2.64 35.28 -7.31
#